data_8W5Z
#
_entry.id   8W5Z
#
_cell.length_a   147.130
_cell.length_b   151.190
_cell.length_c   93.330
_cell.angle_alpha   90.00
_cell.angle_beta   90.00
_cell.angle_gamma   90.00
#
_symmetry.space_group_name_H-M   'C 2 2 21'
#
loop_
_entity.id
_entity.type
_entity.pdbx_description
1 polymer 'Protein-tyrosine sulfotransferase (Fragment)'
2 polymer 'Madanin Y54-peptide'
3 non-polymer "ADENOSINE-3'-5'-DIPHOSPHATE"
4 non-polymer 3-PYRIDINIUM-1-YLPROPANE-1-SULFONATE
5 non-polymer 2-AMINO-2-HYDROXYMETHYL-PROPANE-1,3-DIOL
6 non-polymer 'MAGNESIUM ION'
7 water water
#
loop_
_entity_poly.entity_id
_entity_poly.type
_entity_poly.pdbx_seq_one_letter_code
_entity_poly.pdbx_strand_id
1 'polypeptide(L)'
;MRGMVAHRLTRRWFLLSALSLFGLVLLYSLLGSCRQRASNFTYVSPDRYVLGPDSRRYPYNNDMPLIFIGGMPRSGTTLV
RVLLDAHPDVRCGEETRVIPRLLSLKQQWVKNPTEMHRLLEGGITDEVLDAAMSAFILEVIVRHGKPAPRLCNKDPFTLR
AAVYLHRLFPRAKFLLMIRDGRAVVHSIITRKVTITGYDLSDYRQCLKRWNAAMTSMYAQCQQLGPGLCLPVYYEQLVLH
PRAWMQRILAFLEVPWNDSVLHHEQLINQSGIALSKLERSTDQVIKPINLGALSKWVGHIPEDVVRDMAKVAPMLAQLGY
DPAANPPDYGQPDNFVLNNTLEIKKKMEEWQARERELEEHRELIKQSIAKKKAAVPDGVINDAVAEKALAVEK
;
A,C
2 'polypeptide(L)' DFDEYEEDGTT B,D
#
# COMPACT_ATOMS: atom_id res chain seq x y z
N ASN A 40 -28.24 -3.53 -0.77
CA ASN A 40 -27.70 -3.93 -2.07
C ASN A 40 -27.22 -2.71 -2.86
N PHE A 41 -25.90 -2.56 -2.96
CA PHE A 41 -25.27 -1.46 -3.68
C PHE A 41 -24.41 -2.04 -4.80
N THR A 42 -24.63 -1.57 -6.03
CA THR A 42 -23.87 -2.00 -7.19
C THR A 42 -22.89 -0.92 -7.59
N TYR A 43 -21.65 -1.33 -7.90
CA TYR A 43 -20.54 -0.42 -8.17
C TYR A 43 -19.97 -0.74 -9.55
N VAL A 44 -20.36 -0.01 -10.56
CA VAL A 44 -19.85 -0.25 -11.90
C VAL A 44 -18.58 0.57 -12.11
N SER A 45 -17.63 0.00 -12.85
CA SER A 45 -16.33 0.59 -13.14
C SER A 45 -16.05 0.50 -14.63
N PRO A 46 -16.59 1.43 -15.42
CA PRO A 46 -16.36 1.39 -16.88
C PRO A 46 -14.88 1.51 -17.22
N ASP A 47 -14.53 0.90 -18.36
CA ASP A 47 -13.15 0.82 -18.81
C ASP A 47 -12.47 2.19 -18.85
N ARG A 48 -11.62 2.48 -17.87
CA ARG A 48 -10.57 3.44 -18.11
C ARG A 48 -9.69 2.89 -19.24
N TYR A 49 -8.95 3.78 -19.90
CA TYR A 49 -8.20 3.30 -21.05
C TYR A 49 -6.97 4.17 -21.31
N VAL A 50 -6.02 3.57 -22.03
CA VAL A 50 -4.80 4.22 -22.48
C VAL A 50 -4.97 4.59 -23.94
N LEU A 51 -4.38 5.72 -24.34
CA LEU A 51 -4.27 6.11 -25.74
C LEU A 51 -2.91 6.75 -25.95
N GLY A 52 -2.34 6.56 -27.14
CA GLY A 52 -1.05 7.11 -27.46
C GLY A 52 -0.99 7.70 -28.85
N PRO A 53 0.10 7.41 -29.57
CA PRO A 53 0.16 7.78 -30.98
C PRO A 53 -1.00 7.18 -31.77
N ASP A 54 -1.60 8.01 -32.63
CA ASP A 54 -2.79 7.70 -33.42
C ASP A 54 -4.03 7.46 -32.57
N SER A 55 -3.98 7.82 -31.28
CA SER A 55 -5.09 7.68 -30.34
C SER A 55 -5.62 6.25 -30.26
N ARG A 56 -4.72 5.26 -30.40
CA ARG A 56 -5.11 3.87 -30.27
C ARG A 56 -5.50 3.57 -28.82
N ARG A 57 -6.75 3.18 -28.62
CA ARG A 57 -7.29 2.97 -27.28
C ARG A 57 -6.88 1.61 -26.73
N TYR A 58 -6.54 1.60 -25.43
CA TYR A 58 -6.23 0.37 -24.69
C TYR A 58 -7.02 0.39 -23.39
N PRO A 59 -8.22 -0.21 -23.36
CA PRO A 59 -9.02 -0.21 -22.13
C PRO A 59 -8.41 -1.12 -21.08
N TYR A 60 -8.74 -0.84 -19.81
CA TYR A 60 -8.21 -1.64 -18.72
C TYR A 60 -9.16 -1.64 -17.53
N ASN A 61 -9.28 -2.80 -16.87
CA ASN A 61 -10.15 -3.06 -15.73
C ASN A 61 -9.67 -4.39 -15.12
N ASN A 62 -10.29 -4.79 -14.00
CA ASN A 62 -9.81 -5.98 -13.28
C ASN A 62 -10.03 -7.29 -14.03
N ASP A 63 -10.85 -7.29 -15.08
CA ASP A 63 -11.13 -8.52 -15.82
C ASP A 63 -10.18 -8.71 -16.99
N MET A 64 -9.19 -7.85 -17.14
CA MET A 64 -8.34 -7.98 -18.31
C MET A 64 -7.34 -9.14 -18.14
N PRO A 65 -6.91 -9.72 -19.24
CA PRO A 65 -6.06 -10.94 -19.19
C PRO A 65 -4.60 -10.57 -18.92
N LEU A 66 -4.34 -10.21 -17.69
CA LEU A 66 -3.01 -9.83 -17.21
C LEU A 66 -2.13 -11.09 -17.10
N ILE A 67 -0.83 -10.88 -17.11
CA ILE A 67 0.17 -11.96 -16.96
C ILE A 67 1.05 -11.61 -15.77
N PHE A 68 1.09 -12.47 -14.76
CA PHE A 68 1.96 -12.24 -13.63
C PHE A 68 3.10 -13.27 -13.69
N ILE A 69 4.32 -12.81 -13.56
CA ILE A 69 5.49 -13.69 -13.57
C ILE A 69 6.19 -13.57 -12.22
N GLY A 70 6.61 -14.69 -11.68
CA GLY A 70 7.42 -14.61 -10.47
C GLY A 70 8.09 -15.92 -10.14
N GLY A 71 8.44 -16.11 -8.88
CA GLY A 71 9.35 -17.18 -8.47
C GLY A 71 10.39 -16.63 -7.52
N MET A 72 11.36 -17.45 -7.16
N MET A 72 11.36 -17.45 -7.17
CA MET A 72 12.45 -16.92 -6.35
CA MET A 72 12.45 -16.94 -6.36
C MET A 72 13.23 -15.90 -7.17
C MET A 72 13.25 -15.93 -7.17
N PRO A 73 13.75 -14.86 -6.54
CA PRO A 73 14.79 -14.06 -7.19
C PRO A 73 15.90 -15.00 -7.64
N ARG A 74 16.58 -14.64 -8.72
CA ARG A 74 17.74 -15.39 -9.29
C ARG A 74 17.30 -16.74 -9.85
N SER A 75 16.08 -16.82 -10.40
CA SER A 75 15.57 -18.07 -11.00
CA SER A 75 15.56 -18.05 -11.00
C SER A 75 15.24 -17.91 -12.48
N GLY A 76 15.73 -16.84 -13.14
CA GLY A 76 15.35 -16.66 -14.54
C GLY A 76 14.14 -15.80 -14.79
N THR A 77 13.64 -15.09 -13.74
CA THR A 77 12.41 -14.30 -13.93
C THR A 77 12.61 -13.12 -14.87
N THR A 78 13.79 -12.47 -14.82
CA THR A 78 13.97 -11.35 -15.75
C THR A 78 14.13 -11.85 -17.19
N LEU A 79 14.84 -12.97 -17.35
CA LEU A 79 14.96 -13.56 -18.69
C LEU A 79 13.56 -13.81 -19.27
N VAL A 80 12.69 -14.51 -18.51
N VAL A 80 12.68 -14.50 -18.53
CA VAL A 80 11.42 -14.89 -19.14
CA VAL A 80 11.42 -14.84 -19.18
C VAL A 80 10.54 -13.68 -19.38
C VAL A 80 10.61 -13.60 -19.46
N ARG A 81 10.59 -12.64 -18.51
CA ARG A 81 9.78 -11.45 -18.79
C ARG A 81 10.34 -10.67 -19.98
N VAL A 82 11.68 -10.69 -20.17
CA VAL A 82 12.27 -10.01 -21.33
C VAL A 82 11.95 -10.77 -22.63
N LEU A 83 11.89 -12.10 -22.61
CA LEU A 83 11.46 -12.84 -23.79
C LEU A 83 10.03 -12.52 -24.14
N LEU A 84 9.16 -12.33 -23.13
CA LEU A 84 7.79 -11.89 -23.45
C LEU A 84 7.77 -10.45 -23.97
N ASP A 85 8.53 -9.55 -23.35
CA ASP A 85 8.62 -8.17 -23.83
C ASP A 85 9.08 -8.16 -25.28
N ALA A 86 9.89 -9.14 -25.67
CA ALA A 86 10.28 -9.21 -27.08
C ALA A 86 9.13 -9.52 -28.02
N HIS A 87 8.00 -9.94 -27.51
CA HIS A 87 6.83 -10.14 -28.38
C HIS A 87 6.12 -8.82 -28.60
N PRO A 88 5.75 -8.46 -29.83
N PRO A 88 5.66 -8.52 -29.82
CA PRO A 88 5.05 -7.16 -30.01
CA PRO A 88 5.03 -7.20 -30.03
C PRO A 88 3.72 -7.03 -29.27
C PRO A 88 3.71 -7.05 -29.30
N ASP A 89 3.05 -8.13 -28.94
CA ASP A 89 1.74 -8.00 -28.28
C ASP A 89 1.84 -7.84 -26.76
N VAL A 90 3.01 -8.04 -26.15
CA VAL A 90 3.10 -8.13 -24.70
C VAL A 90 4.07 -7.08 -24.21
N ARG A 91 3.71 -6.40 -23.11
CA ARG A 91 4.64 -5.53 -22.43
C ARG A 91 4.66 -5.93 -20.95
N CYS A 92 5.86 -6.17 -20.43
CA CYS A 92 6.04 -6.41 -19.00
CA CYS A 92 6.07 -6.44 -19.01
C CYS A 92 6.77 -5.26 -18.34
N GLY A 93 7.99 -4.97 -18.74
CA GLY A 93 8.75 -3.89 -18.16
C GLY A 93 9.48 -4.31 -16.90
N GLU A 94 9.98 -3.29 -16.20
CA GLU A 94 10.85 -3.45 -15.04
C GLU A 94 10.08 -3.94 -13.78
N GLU A 95 10.83 -4.36 -12.75
CA GLU A 95 10.20 -4.69 -11.45
C GLU A 95 9.58 -3.42 -10.89
N THR A 96 8.36 -3.53 -10.40
CA THR A 96 7.71 -2.33 -9.83
C THR A 96 8.09 -2.10 -8.37
N ARG A 97 8.44 -3.17 -7.59
CA ARG A 97 8.78 -3.14 -6.17
C ARG A 97 7.58 -2.78 -5.27
N VAL A 98 6.76 -1.82 -5.70
CA VAL A 98 5.66 -1.42 -4.83
C VAL A 98 4.58 -2.48 -4.79
N ILE A 99 4.39 -3.25 -5.87
CA ILE A 99 3.33 -4.26 -5.87
C ILE A 99 3.61 -5.33 -4.80
N PRO A 100 4.76 -5.99 -4.76
CA PRO A 100 4.94 -6.97 -3.69
C PRO A 100 4.95 -6.34 -2.32
N ARG A 101 5.41 -5.10 -2.22
CA ARG A 101 5.42 -4.45 -0.91
C ARG A 101 4.00 -4.17 -0.41
N LEU A 102 3.10 -3.75 -1.29
N LEU A 102 3.13 -3.73 -1.31
CA LEU A 102 1.69 -3.58 -0.91
CA LEU A 102 1.71 -3.57 -0.99
C LEU A 102 1.05 -4.92 -0.57
C LEU A 102 1.10 -4.90 -0.56
N LEU A 103 1.35 -5.96 -1.34
CA LEU A 103 0.81 -7.27 -1.01
C LEU A 103 1.26 -7.69 0.38
N SER A 104 2.50 -7.41 0.74
CA SER A 104 2.99 -7.85 2.04
C SER A 104 2.31 -7.08 3.15
N LEU A 105 2.15 -5.78 2.95
CA LEU A 105 1.49 -4.96 3.95
C LEU A 105 0.05 -5.41 4.16
N LYS A 106 -0.65 -5.71 3.07
CA LYS A 106 -2.01 -6.24 3.19
C LYS A 106 -2.04 -7.54 3.99
N GLN A 107 -1.09 -8.45 3.76
CA GLN A 107 -1.07 -9.68 4.56
C GLN A 107 -0.88 -9.37 6.04
N GLN A 108 -0.04 -8.38 6.36
CA GLN A 108 0.16 -8.03 7.77
C GLN A 108 -1.14 -7.57 8.40
N TRP A 109 -1.97 -6.85 7.65
CA TRP A 109 -3.27 -6.39 8.18
C TRP A 109 -4.19 -7.56 8.47
N VAL A 110 -4.55 -8.31 7.44
CA VAL A 110 -5.57 -9.34 7.53
C VAL A 110 -5.15 -10.53 8.39
N LYS A 111 -3.85 -10.73 8.59
CA LYS A 111 -3.43 -11.88 9.37
C LYS A 111 -3.42 -11.56 10.86
N ASN A 112 -3.44 -10.29 11.24
CA ASN A 112 -3.40 -9.97 12.66
C ASN A 112 -4.83 -9.92 13.16
N PRO A 113 -5.23 -10.75 14.14
CA PRO A 113 -6.66 -10.88 14.45
C PRO A 113 -7.30 -9.62 14.99
N THR A 114 -6.59 -8.88 15.86
CA THR A 114 -7.10 -7.61 16.35
C THR A 114 -7.33 -6.65 15.19
N GLU A 115 -6.33 -6.52 14.31
CA GLU A 115 -6.44 -5.56 13.22
C GLU A 115 -7.55 -5.97 12.24
N MET A 116 -7.69 -7.27 11.95
CA MET A 116 -8.76 -7.75 11.09
C MET A 116 -10.14 -7.37 11.64
N HIS A 117 -10.30 -7.47 12.96
CA HIS A 117 -11.58 -7.09 13.57
C HIS A 117 -11.81 -5.58 13.51
N ARG A 118 -10.77 -4.78 13.75
CA ARG A 118 -10.93 -3.32 13.61
C ARG A 118 -11.32 -2.95 12.20
N LEU A 119 -10.69 -3.57 11.20
CA LEU A 119 -11.05 -3.27 9.82
C LEU A 119 -12.50 -3.64 9.55
N LEU A 120 -12.92 -4.83 9.97
CA LEU A 120 -14.30 -5.22 9.72
C LEU A 120 -15.28 -4.20 10.35
N GLU A 121 -14.99 -3.78 11.57
N GLU A 121 -14.99 -3.76 11.56
CA GLU A 121 -15.90 -2.82 12.22
CA GLU A 121 -15.92 -2.82 12.20
C GLU A 121 -15.87 -1.45 11.55
C GLU A 121 -15.77 -1.39 11.70
N GLY A 122 -14.79 -1.12 10.86
CA GLY A 122 -14.73 0.09 10.07
C GLY A 122 -15.35 -0.01 8.71
N GLY A 123 -16.03 -1.12 8.35
CA GLY A 123 -16.56 -1.27 7.02
C GLY A 123 -15.55 -1.76 5.97
N ILE A 124 -14.33 -2.08 6.37
CA ILE A 124 -13.27 -2.49 5.41
C ILE A 124 -13.37 -4.02 5.33
N THR A 125 -14.32 -4.46 4.54
CA THR A 125 -14.57 -5.87 4.25
C THR A 125 -13.54 -6.33 3.22
N ASP A 126 -13.43 -7.65 3.02
CA ASP A 126 -12.62 -8.13 1.90
C ASP A 126 -13.04 -7.52 0.57
N GLU A 127 -14.35 -7.36 0.32
CA GLU A 127 -14.81 -6.73 -0.91
C GLU A 127 -14.20 -5.34 -1.08
N VAL A 128 -14.23 -4.53 -0.01
CA VAL A 128 -13.64 -3.20 -0.07
C VAL A 128 -12.12 -3.26 -0.29
N LEU A 129 -11.43 -4.01 0.56
CA LEU A 129 -9.96 -4.07 0.48
C LEU A 129 -9.53 -4.63 -0.87
N ASP A 130 -10.26 -5.62 -1.40
CA ASP A 130 -9.90 -6.17 -2.72
C ASP A 130 -10.04 -5.11 -3.81
N ALA A 131 -11.10 -4.30 -3.73
CA ALA A 131 -11.29 -3.28 -4.74
C ALA A 131 -10.17 -2.28 -4.69
N ALA A 132 -9.71 -1.91 -3.49
CA ALA A 132 -8.64 -0.91 -3.38
C ALA A 132 -7.32 -1.49 -3.85
N MET A 133 -7.02 -2.70 -3.40
CA MET A 133 -5.76 -3.37 -3.79
C MET A 133 -5.68 -3.57 -5.29
N SER A 134 -6.74 -4.09 -5.89
CA SER A 134 -6.74 -4.30 -7.32
C SER A 134 -6.60 -2.99 -8.07
N ALA A 135 -7.23 -1.91 -7.56
CA ALA A 135 -7.11 -0.66 -8.28
C ALA A 135 -5.66 -0.15 -8.25
N PHE A 136 -5.00 -0.28 -7.10
CA PHE A 136 -3.62 0.18 -6.96
C PHE A 136 -2.73 -0.60 -7.93
N ILE A 137 -2.82 -1.92 -7.82
CA ILE A 137 -1.93 -2.79 -8.61
C ILE A 137 -2.16 -2.57 -10.10
N LEU A 138 -3.41 -2.51 -10.54
CA LEU A 138 -3.71 -2.27 -11.94
C LEU A 138 -3.14 -0.93 -12.43
N GLU A 139 -3.29 0.15 -11.64
CA GLU A 139 -2.73 1.43 -12.10
C GLU A 139 -1.23 1.35 -12.31
N VAL A 140 -0.51 0.70 -11.39
CA VAL A 140 0.94 0.56 -11.53
C VAL A 140 1.25 -0.21 -12.82
N ILE A 141 0.59 -1.34 -13.02
CA ILE A 141 0.91 -2.19 -14.20
C ILE A 141 0.65 -1.42 -15.48
N VAL A 142 -0.48 -0.71 -15.54
CA VAL A 142 -0.85 0.03 -16.74
C VAL A 142 0.11 1.20 -16.97
N ARG A 143 0.42 1.96 -15.93
CA ARG A 143 1.06 3.26 -16.21
C ARG A 143 2.59 3.26 -16.20
N HIS A 144 3.26 2.21 -15.69
CA HIS A 144 4.73 2.32 -15.56
C HIS A 144 5.46 1.91 -16.84
N GLY A 145 4.72 1.62 -17.92
CA GLY A 145 5.32 1.21 -19.17
C GLY A 145 4.46 1.58 -20.35
N LYS A 146 4.98 1.30 -21.55
CA LYS A 146 4.23 1.55 -22.76
C LYS A 146 3.01 0.61 -22.84
N PRO A 147 1.96 1.04 -23.53
CA PRO A 147 0.77 0.20 -23.65
C PRO A 147 1.00 -0.95 -24.63
N ALA A 148 0.18 -1.99 -24.47
CA ALA A 148 0.28 -3.14 -25.36
C ALA A 148 -1.00 -3.92 -25.25
N PRO A 149 -1.32 -4.72 -26.27
CA PRO A 149 -2.49 -5.60 -26.20
C PRO A 149 -2.57 -6.46 -24.96
N ARG A 150 -1.44 -6.95 -24.43
CA ARG A 150 -1.43 -7.78 -23.23
C ARG A 150 -0.43 -7.16 -22.27
N LEU A 151 -0.82 -6.94 -21.02
CA LEU A 151 0.07 -6.38 -20.04
C LEU A 151 0.54 -7.46 -19.09
N CYS A 152 1.77 -7.30 -18.63
CA CYS A 152 2.46 -8.27 -17.81
CA CYS A 152 2.29 -8.25 -17.66
C CYS A 152 3.11 -7.55 -16.62
N ASN A 153 3.37 -8.28 -15.52
CA ASN A 153 4.14 -7.79 -14.43
C ASN A 153 5.09 -8.86 -13.95
N LYS A 154 6.32 -8.48 -13.69
CA LYS A 154 7.23 -9.39 -13.01
C LYS A 154 7.79 -8.73 -11.77
N ASP A 155 7.52 -9.32 -10.63
CA ASP A 155 8.07 -9.00 -9.34
C ASP A 155 8.14 -10.36 -8.64
N PRO A 156 9.32 -10.92 -8.40
CA PRO A 156 9.41 -12.36 -8.02
C PRO A 156 8.43 -12.83 -6.96
N PHE A 157 8.38 -12.14 -5.81
CA PHE A 157 7.60 -12.76 -4.73
C PHE A 157 6.10 -12.50 -4.82
N THR A 158 5.61 -11.84 -5.88
CA THR A 158 4.15 -11.83 -6.11
C THR A 158 3.58 -13.23 -6.21
N LEU A 159 4.37 -14.21 -6.63
CA LEU A 159 3.78 -15.54 -6.78
C LEU A 159 3.50 -16.19 -5.42
N ARG A 160 4.01 -15.62 -4.31
CA ARG A 160 3.57 -16.10 -2.99
C ARG A 160 2.10 -15.75 -2.76
N ALA A 161 1.56 -14.81 -3.51
CA ALA A 161 0.19 -14.32 -3.37
C ALA A 161 -0.67 -14.63 -4.60
N ALA A 162 -0.33 -15.72 -5.35
CA ALA A 162 -0.99 -15.94 -6.61
C ALA A 162 -2.49 -16.25 -6.43
N VAL A 163 -2.86 -16.98 -5.36
CA VAL A 163 -4.27 -17.30 -5.17
C VAL A 163 -5.06 -16.01 -4.90
N TYR A 164 -4.47 -15.10 -4.14
CA TYR A 164 -5.11 -13.80 -3.86
C TYR A 164 -5.16 -12.96 -5.12
N LEU A 165 -4.08 -12.97 -5.92
CA LEU A 165 -4.15 -12.22 -7.16
C LEU A 165 -5.19 -12.75 -8.14
N HIS A 166 -5.43 -14.08 -8.16
CA HIS A 166 -6.49 -14.60 -8.99
C HIS A 166 -7.88 -14.13 -8.51
N ARG A 167 -8.03 -13.94 -7.23
CA ARG A 167 -9.28 -13.35 -6.71
C ARG A 167 -9.46 -11.91 -7.21
N LEU A 168 -8.37 -11.14 -7.20
CA LEU A 168 -8.42 -9.75 -7.68
C LEU A 168 -8.63 -9.67 -9.19
N PHE A 169 -7.97 -10.56 -9.97
CA PHE A 169 -7.88 -10.44 -11.41
C PHE A 169 -8.23 -11.82 -11.96
N PRO A 170 -9.50 -12.10 -12.17
CA PRO A 170 -9.91 -13.49 -12.41
C PRO A 170 -9.48 -14.05 -13.76
N ARG A 171 -9.15 -13.20 -14.74
N ARG A 171 -9.15 -13.23 -14.74
CA ARG A 171 -8.67 -13.67 -16.04
CA ARG A 171 -8.67 -13.75 -16.01
C ARG A 171 -7.16 -13.50 -16.19
C ARG A 171 -7.15 -13.73 -16.12
N ALA A 172 -6.45 -13.27 -15.09
CA ALA A 172 -4.97 -13.24 -15.18
C ALA A 172 -4.43 -14.66 -15.25
N LYS A 173 -3.25 -14.80 -15.83
CA LYS A 173 -2.54 -16.07 -15.79
CA LYS A 173 -2.51 -16.05 -15.88
C LYS A 173 -1.17 -15.81 -15.19
N PHE A 174 -0.54 -16.89 -14.72
CA PHE A 174 0.63 -16.85 -13.89
C PHE A 174 1.72 -17.75 -14.48
N LEU A 175 2.95 -17.25 -14.50
CA LEU A 175 4.12 -18.07 -14.83
C LEU A 175 4.97 -18.16 -13.57
N LEU A 176 5.24 -19.37 -13.07
CA LEU A 176 6.08 -19.58 -11.92
C LEU A 176 7.43 -20.11 -12.41
N MET A 177 8.47 -19.30 -12.30
CA MET A 177 9.81 -19.81 -12.65
C MET A 177 10.27 -20.80 -11.60
N ILE A 178 10.90 -21.88 -12.09
CA ILE A 178 11.51 -22.88 -11.22
CA ILE A 178 11.50 -22.93 -11.26
C ILE A 178 12.95 -23.06 -11.69
N ARG A 179 13.89 -23.00 -10.72
CA ARG A 179 15.31 -23.21 -11.03
C ARG A 179 15.90 -24.04 -9.89
N ASP A 180 16.92 -24.84 -10.23
CA ASP A 180 17.58 -25.63 -9.19
C ASP A 180 17.93 -24.72 -8.03
N GLY A 181 17.48 -25.08 -6.82
CA GLY A 181 17.74 -24.24 -5.64
C GLY A 181 19.22 -24.03 -5.38
N ARG A 182 20.06 -25.01 -5.77
CA ARG A 182 21.50 -24.83 -5.58
C ARG A 182 22.03 -23.72 -6.46
N ALA A 183 21.48 -23.58 -7.69
CA ALA A 183 21.88 -22.49 -8.58
C ALA A 183 21.35 -21.14 -8.05
N VAL A 184 20.13 -21.13 -7.57
CA VAL A 184 19.51 -19.92 -7.04
C VAL A 184 20.32 -19.43 -5.84
N VAL A 185 20.66 -20.34 -4.91
CA VAL A 185 21.36 -19.89 -3.71
C VAL A 185 22.79 -19.49 -4.05
N HIS A 186 23.45 -20.23 -4.96
CA HIS A 186 24.78 -19.81 -5.39
C HIS A 186 24.75 -18.40 -5.95
N SER A 187 23.69 -18.07 -6.73
CA SER A 187 23.62 -16.75 -7.34
C SER A 187 23.45 -15.68 -6.26
N ILE A 188 22.50 -15.92 -5.37
CA ILE A 188 22.21 -15.01 -4.25
C ILE A 188 23.48 -14.71 -3.46
N ILE A 189 24.26 -15.75 -3.13
CA ILE A 189 25.44 -15.56 -2.27
C ILE A 189 26.59 -14.95 -3.07
N THR A 190 26.85 -15.43 -4.29
CA THR A 190 28.01 -14.95 -5.03
CA THR A 190 28.03 -14.92 -4.98
C THR A 190 27.82 -13.51 -5.47
N ARG A 191 26.60 -13.15 -5.88
CA ARG A 191 26.33 -11.80 -6.37
C ARG A 191 25.92 -10.86 -5.24
N LYS A 192 25.84 -11.38 -4.02
CA LYS A 192 25.42 -10.64 -2.82
C LYS A 192 24.08 -9.93 -3.02
N VAL A 193 23.08 -10.72 -3.37
CA VAL A 193 21.74 -10.18 -3.59
C VAL A 193 21.07 -10.09 -2.24
N THR A 194 20.67 -8.89 -1.82
CA THR A 194 20.10 -8.76 -0.49
C THR A 194 18.62 -9.14 -0.54
N ILE A 195 18.24 -10.12 0.27
CA ILE A 195 16.86 -10.54 0.42
C ILE A 195 16.60 -10.64 1.91
N THR A 196 15.51 -10.04 2.36
CA THR A 196 15.24 -10.00 3.79
C THR A 196 15.22 -11.41 4.35
N GLY A 197 16.08 -11.67 5.35
CA GLY A 197 16.09 -12.96 5.98
C GLY A 197 17.08 -13.97 5.40
N TYR A 198 17.81 -13.64 4.33
CA TYR A 198 18.77 -14.56 3.75
C TYR A 198 20.15 -14.17 4.26
N ASP A 199 20.83 -15.13 4.89
CA ASP A 199 22.17 -14.91 5.44
C ASP A 199 23.19 -15.25 4.38
N LEU A 200 23.82 -14.21 3.81
CA LEU A 200 24.71 -14.37 2.68
C LEU A 200 26.00 -15.10 3.01
N SER A 201 26.28 -15.37 4.29
CA SER A 201 27.44 -16.15 4.67
C SER A 201 27.10 -17.64 4.90
N ASP A 202 25.86 -18.07 4.64
CA ASP A 202 25.38 -19.38 5.07
C ASP A 202 24.60 -20.10 3.95
N TYR A 203 25.29 -20.94 3.16
CA TYR A 203 24.58 -21.73 2.12
C TYR A 203 23.44 -22.54 2.69
N ARG A 204 23.66 -23.26 3.80
CA ARG A 204 22.63 -24.11 4.33
C ARG A 204 21.38 -23.31 4.71
N GLN A 205 21.56 -22.15 5.35
CA GLN A 205 20.41 -21.38 5.76
C GLN A 205 19.68 -20.82 4.55
N CYS A 206 20.44 -20.41 3.54
CA CYS A 206 19.80 -19.88 2.34
C CYS A 206 19.04 -20.97 1.60
N LEU A 207 19.58 -22.20 1.57
CA LEU A 207 18.86 -23.27 0.89
C LEU A 207 17.61 -23.64 1.64
N LYS A 208 17.64 -23.58 3.01
CA LYS A 208 16.41 -23.85 3.71
C LYS A 208 15.37 -22.77 3.47
N ARG A 209 15.78 -21.51 3.32
CA ARG A 209 14.86 -20.44 2.98
C ARG A 209 14.29 -20.64 1.58
N TRP A 210 15.17 -20.98 0.61
CA TRP A 210 14.73 -21.30 -0.74
C TRP A 210 13.70 -22.41 -0.69
N ASN A 211 13.98 -23.47 0.07
CA ASN A 211 13.08 -24.62 0.14
C ASN A 211 11.69 -24.23 0.64
N ALA A 212 11.64 -23.44 1.71
CA ALA A 212 10.36 -22.98 2.25
C ALA A 212 9.62 -22.09 1.25
N ALA A 213 10.34 -21.14 0.63
CA ALA A 213 9.69 -20.24 -0.32
C ALA A 213 9.11 -21.01 -1.50
N MET A 214 9.86 -22.00 -2.02
N MET A 214 9.86 -21.99 -2.04
CA MET A 214 9.43 -22.78 -3.17
CA MET A 214 9.34 -22.71 -3.20
C MET A 214 8.27 -23.67 -2.82
C MET A 214 8.24 -23.68 -2.82
N THR A 215 8.26 -24.24 -1.61
CA THR A 215 7.11 -25.05 -1.21
C THR A 215 5.85 -24.20 -1.27
N SER A 216 5.98 -22.97 -0.76
N SER A 216 5.90 -22.98 -0.76
CA SER A 216 4.85 -22.04 -0.76
CA SER A 216 4.66 -22.21 -0.71
C SER A 216 4.40 -21.66 -2.17
C SER A 216 4.26 -21.67 -2.10
N MET A 217 5.33 -21.21 -3.01
N MET A 217 5.23 -21.28 -2.93
CA MET A 217 4.96 -20.73 -4.34
CA MET A 217 4.87 -20.75 -4.25
C MET A 217 4.44 -21.86 -5.21
C MET A 217 4.47 -21.86 -5.21
N TYR A 218 5.08 -23.05 -5.11
CA TYR A 218 4.60 -24.17 -5.91
C TYR A 218 3.18 -24.57 -5.48
N ALA A 219 2.92 -24.55 -4.17
CA ALA A 219 1.57 -24.87 -3.68
C ALA A 219 0.53 -23.87 -4.22
N GLN A 220 0.86 -22.58 -4.22
CA GLN A 220 -0.08 -21.57 -4.75
C GLN A 220 -0.37 -21.84 -6.21
N CYS A 221 0.69 -22.14 -6.98
CA CYS A 221 0.52 -22.44 -8.39
C CYS A 221 -0.41 -23.63 -8.60
N GLN A 222 -0.20 -24.72 -7.84
CA GLN A 222 -1.06 -25.89 -8.05
C GLN A 222 -2.47 -25.72 -7.49
N GLN A 223 -2.66 -24.84 -6.49
N GLN A 223 -2.67 -24.84 -6.49
CA GLN A 223 -4.01 -24.51 -6.05
CA GLN A 223 -4.04 -24.56 -6.09
C GLN A 223 -4.77 -23.89 -7.21
C GLN A 223 -4.80 -23.88 -7.20
N LEU A 224 -4.12 -23.02 -7.97
CA LEU A 224 -4.79 -22.37 -9.09
C LEU A 224 -5.00 -23.37 -10.22
N GLY A 225 -4.03 -24.25 -10.44
CA GLY A 225 -4.18 -25.31 -11.42
C GLY A 225 -3.68 -24.89 -12.77
N PRO A 226 -3.62 -25.83 -13.73
CA PRO A 226 -2.90 -25.60 -14.98
C PRO A 226 -3.60 -24.68 -15.95
N GLY A 227 -4.90 -24.43 -15.79
CA GLY A 227 -5.52 -23.40 -16.62
C GLY A 227 -5.09 -22.00 -16.26
N LEU A 228 -4.52 -21.82 -15.07
CA LEU A 228 -4.16 -20.50 -14.57
C LEU A 228 -2.68 -20.29 -14.34
N CYS A 229 -1.92 -21.36 -14.02
CA CYS A 229 -0.53 -21.18 -13.60
C CYS A 229 0.31 -22.24 -14.31
N LEU A 230 1.34 -21.78 -15.01
CA LEU A 230 2.31 -22.68 -15.73
C LEU A 230 3.65 -22.62 -15.04
N PRO A 231 4.17 -23.72 -14.46
CA PRO A 231 5.56 -23.73 -14.00
C PRO A 231 6.50 -23.75 -15.19
N VAL A 232 7.46 -22.84 -15.18
CA VAL A 232 8.43 -22.73 -16.27
C VAL A 232 9.80 -23.08 -15.70
N TYR A 233 10.41 -24.15 -16.21
CA TYR A 233 11.71 -24.57 -15.66
C TYR A 233 12.84 -23.84 -16.37
N TYR A 234 13.62 -23.07 -15.56
CA TYR A 234 14.69 -22.24 -16.10
C TYR A 234 15.65 -23.06 -16.99
N GLU A 235 16.08 -24.22 -16.50
CA GLU A 235 17.13 -24.93 -17.25
C GLU A 235 16.55 -25.44 -18.55
N GLN A 236 15.27 -25.87 -18.52
CA GLN A 236 14.64 -26.33 -19.77
C GLN A 236 14.39 -25.20 -20.74
N LEU A 237 13.99 -23.99 -20.25
CA LEU A 237 13.83 -22.85 -21.13
C LEU A 237 15.15 -22.48 -21.83
N VAL A 238 16.24 -22.54 -21.09
CA VAL A 238 17.57 -22.24 -21.62
C VAL A 238 18.02 -23.31 -22.60
N LEU A 239 17.77 -24.58 -22.29
CA LEU A 239 18.21 -25.65 -23.19
C LEU A 239 17.36 -25.72 -24.46
N HIS A 240 16.07 -25.33 -24.37
CA HIS A 240 15.08 -25.57 -25.44
C HIS A 240 14.21 -24.33 -25.60
N PRO A 241 14.79 -23.21 -26.01
CA PRO A 241 13.98 -21.97 -25.99
C PRO A 241 12.84 -21.97 -26.99
N ARG A 242 13.02 -22.52 -28.21
CA ARG A 242 11.88 -22.47 -29.15
CA ARG A 242 11.91 -22.51 -29.17
C ARG A 242 10.72 -23.29 -28.64
N ALA A 243 10.97 -24.53 -28.17
CA ALA A 243 9.84 -25.32 -27.69
C ALA A 243 9.22 -24.73 -26.42
N TRP A 244 10.07 -24.23 -25.49
CA TRP A 244 9.47 -23.65 -24.27
C TRP A 244 8.75 -22.35 -24.53
N MET A 245 9.26 -21.50 -25.43
CA MET A 245 8.53 -20.27 -25.70
C MET A 245 7.23 -20.59 -26.45
N GLN A 246 7.21 -21.66 -27.30
CA GLN A 246 5.95 -22.08 -27.90
C GLN A 246 4.94 -22.46 -26.81
N ARG A 247 5.39 -23.20 -25.81
CA ARG A 247 4.52 -23.67 -24.73
C ARG A 247 3.99 -22.49 -23.96
N ILE A 248 4.87 -21.54 -23.62
CA ILE A 248 4.46 -20.39 -22.82
C ILE A 248 3.47 -19.54 -23.58
N LEU A 249 3.79 -19.21 -24.83
CA LEU A 249 2.89 -18.36 -25.62
C LEU A 249 1.55 -19.05 -25.88
N ALA A 250 1.54 -20.38 -26.08
CA ALA A 250 0.25 -21.08 -26.23
C ALA A 250 -0.58 -21.00 -24.95
N PHE A 251 0.07 -21.21 -23.80
CA PHE A 251 -0.60 -21.12 -22.51
C PHE A 251 -1.23 -19.75 -22.34
N LEU A 252 -0.48 -18.68 -22.71
CA LEU A 252 -0.99 -17.31 -22.53
C LEU A 252 -1.98 -16.88 -23.62
N GLU A 253 -2.16 -17.70 -24.67
CA GLU A 253 -2.99 -17.39 -25.85
C GLU A 253 -2.47 -16.17 -26.58
N VAL A 254 -1.17 -16.19 -26.85
CA VAL A 254 -0.49 -15.19 -27.66
C VAL A 254 0.10 -15.94 -28.85
N PRO A 255 -0.04 -15.44 -30.10
CA PRO A 255 0.50 -16.17 -31.24
C PRO A 255 2.03 -16.19 -31.25
N TRP A 256 2.60 -17.26 -31.77
CA TRP A 256 4.04 -17.33 -31.94
C TRP A 256 4.58 -16.11 -32.71
N ASN A 257 5.76 -15.64 -32.29
CA ASN A 257 6.52 -14.67 -33.08
C ASN A 257 7.98 -14.99 -32.88
N ASP A 258 8.74 -15.11 -33.98
CA ASP A 258 10.18 -15.34 -33.91
C ASP A 258 10.95 -14.23 -33.18
N SER A 259 10.33 -13.05 -33.02
CA SER A 259 11.01 -11.97 -32.24
C SER A 259 11.46 -12.41 -30.85
N VAL A 260 10.75 -13.36 -30.22
CA VAL A 260 11.17 -13.80 -28.87
C VAL A 260 12.51 -14.53 -28.85
N LEU A 261 13.01 -14.95 -30.03
CA LEU A 261 14.34 -15.55 -30.13
C LEU A 261 15.39 -14.53 -30.51
N HIS A 262 15.02 -13.24 -30.51
CA HIS A 262 15.99 -12.18 -30.83
C HIS A 262 15.97 -11.09 -29.80
N HIS A 263 15.78 -11.44 -28.53
CA HIS A 263 15.51 -10.35 -27.57
C HIS A 263 16.71 -9.40 -27.39
N GLU A 264 17.93 -9.89 -27.56
CA GLU A 264 19.09 -9.01 -27.40
C GLU A 264 19.07 -7.90 -28.43
N GLN A 265 18.47 -8.14 -29.60
CA GLN A 265 18.45 -7.08 -30.61
C GLN A 265 17.43 -6.03 -30.24
N LEU A 266 16.33 -6.45 -29.63
CA LEU A 266 15.26 -5.54 -29.30
C LEU A 266 15.62 -4.68 -28.11
N ILE A 267 16.43 -5.21 -27.19
CA ILE A 267 17.00 -4.38 -26.13
C ILE A 267 17.85 -3.28 -26.76
N ASN A 268 18.64 -3.64 -27.78
CA ASN A 268 19.58 -2.70 -28.40
C ASN A 268 18.86 -1.56 -29.07
N GLN A 269 17.61 -1.73 -29.49
N GLN A 269 17.60 -1.74 -29.43
CA GLN A 269 16.86 -0.60 -30.06
CA GLN A 269 16.82 -0.69 -30.08
C GLN A 269 15.70 -0.18 -29.16
C GLN A 269 15.69 -0.20 -29.16
N SER A 270 15.87 -0.36 -27.85
CA SER A 270 14.98 0.22 -26.84
C SER A 270 13.52 -0.20 -27.01
N GLY A 271 13.30 -1.46 -27.35
CA GLY A 271 11.95 -1.99 -27.39
C GLY A 271 11.62 -2.81 -26.17
N ILE A 272 12.57 -2.89 -25.25
CA ILE A 272 12.38 -3.59 -23.97
C ILE A 272 12.94 -2.70 -22.87
N ALA A 273 12.12 -2.41 -21.84
CA ALA A 273 12.56 -1.50 -20.79
C ALA A 273 13.33 -2.23 -19.71
N LEU A 274 14.47 -1.69 -19.33
CA LEU A 274 15.36 -2.30 -18.35
C LEU A 274 15.73 -1.28 -17.30
N SER A 275 15.80 -1.72 -16.05
CA SER A 275 16.34 -0.88 -14.98
C SER A 275 17.85 -1.10 -14.87
N LYS A 276 18.62 0.00 -14.98
CA LYS A 276 20.06 -0.14 -14.75
C LYS A 276 20.40 -0.48 -13.31
N LEU A 277 19.46 -0.41 -12.37
CA LEU A 277 19.75 -0.79 -10.99
C LEU A 277 19.38 -2.24 -10.66
N GLU A 278 18.66 -2.95 -11.52
CA GLU A 278 18.33 -4.36 -11.25
C GLU A 278 19.57 -5.23 -11.51
N ARG A 279 19.75 -6.27 -10.69
CA ARG A 279 20.97 -7.10 -10.72
C ARG A 279 21.03 -8.02 -11.93
N SER A 280 19.91 -8.24 -12.61
CA SER A 280 19.91 -9.15 -13.76
CA SER A 280 19.82 -9.14 -13.75
C SER A 280 20.13 -8.46 -15.07
N THR A 281 20.18 -7.13 -15.11
CA THR A 281 20.27 -6.43 -16.38
C THR A 281 21.51 -6.85 -17.16
N ASP A 282 22.68 -7.01 -16.50
N ASP A 282 22.64 -7.02 -16.45
CA ASP A 282 23.87 -7.35 -17.28
CA ASP A 282 23.93 -7.37 -17.01
C ASP A 282 23.86 -8.78 -17.85
C ASP A 282 23.96 -8.75 -17.66
N GLN A 283 22.97 -9.65 -17.39
N GLN A 283 22.95 -9.58 -17.42
CA GLN A 283 22.84 -10.98 -17.98
CA GLN A 283 22.88 -10.90 -18.03
C GLN A 283 21.80 -11.02 -19.08
C GLN A 283 21.80 -11.02 -19.07
N VAL A 284 20.66 -10.34 -18.88
CA VAL A 284 19.59 -10.45 -19.87
C VAL A 284 19.89 -9.69 -21.16
N ILE A 285 20.91 -8.81 -21.17
CA ILE A 285 21.24 -8.15 -22.43
C ILE A 285 21.86 -9.13 -23.42
N LYS A 286 22.28 -10.36 -22.95
CA LYS A 286 22.87 -11.37 -23.87
C LYS A 286 21.77 -12.28 -24.41
N PRO A 287 21.99 -12.83 -25.59
CA PRO A 287 21.14 -13.93 -26.10
C PRO A 287 21.05 -15.04 -25.08
N ILE A 288 19.97 -15.83 -25.18
CA ILE A 288 19.81 -16.97 -24.27
C ILE A 288 21.06 -17.84 -24.38
N ASN A 289 21.64 -18.21 -23.25
CA ASN A 289 22.91 -18.95 -23.32
C ASN A 289 23.07 -19.88 -22.13
N LEU A 290 24.08 -20.79 -22.22
CA LEU A 290 24.24 -21.91 -21.27
C LEU A 290 25.11 -21.61 -20.04
N GLY A 291 25.66 -20.41 -19.91
CA GLY A 291 26.72 -20.20 -18.93
C GLY A 291 26.31 -20.33 -17.47
N ALA A 292 25.02 -20.17 -17.16
CA ALA A 292 24.61 -20.17 -15.75
C ALA A 292 23.89 -21.44 -15.29
N LEU A 293 23.87 -22.51 -16.10
CA LEU A 293 23.12 -23.69 -15.68
C LEU A 293 23.73 -24.33 -14.44
N SER A 294 25.07 -24.47 -14.43
N SER A 294 25.07 -24.52 -14.45
CA SER A 294 25.66 -25.29 -13.39
CA SER A 294 25.74 -25.33 -13.43
C SER A 294 26.95 -24.67 -12.85
C SER A 294 26.97 -24.65 -12.83
N LYS A 295 27.05 -23.33 -12.90
CA LYS A 295 28.14 -22.59 -12.22
C LYS A 295 28.29 -22.93 -10.76
N TRP A 296 27.20 -23.35 -10.09
CA TRP A 296 27.20 -23.61 -8.67
C TRP A 296 28.00 -24.83 -8.30
N VAL A 297 28.23 -25.71 -9.28
CA VAL A 297 28.83 -27.01 -8.94
C VAL A 297 30.23 -26.81 -8.38
N GLY A 298 30.53 -27.50 -7.28
CA GLY A 298 31.82 -27.37 -6.60
C GLY A 298 31.95 -26.14 -5.71
N HIS A 299 30.92 -25.29 -5.60
CA HIS A 299 30.92 -24.14 -4.72
C HIS A 299 30.00 -24.26 -3.52
N ILE A 300 29.38 -25.41 -3.31
N ILE A 300 29.35 -25.41 -3.34
CA ILE A 300 28.54 -25.65 -2.14
CA ILE A 300 28.54 -25.68 -2.15
C ILE A 300 29.40 -26.35 -1.09
C ILE A 300 29.46 -26.30 -1.11
N PRO A 301 29.39 -25.90 0.15
CA PRO A 301 30.24 -26.55 1.17
C PRO A 301 29.93 -28.05 1.26
N GLU A 302 30.99 -28.85 1.43
CA GLU A 302 30.92 -30.31 1.45
C GLU A 302 29.79 -30.84 2.32
N ASP A 303 29.62 -30.27 3.51
CA ASP A 303 28.66 -30.79 4.46
C ASP A 303 27.23 -30.57 3.96
N VAL A 304 27.03 -29.48 3.22
CA VAL A 304 25.72 -29.21 2.65
C VAL A 304 25.46 -30.14 1.46
N VAL A 305 26.47 -30.41 0.64
CA VAL A 305 26.35 -31.41 -0.44
C VAL A 305 25.96 -32.78 0.13
N ARG A 306 26.63 -33.19 1.21
CA ARG A 306 26.31 -34.48 1.85
CA ARG A 306 26.31 -34.48 1.83
C ARG A 306 24.86 -34.53 2.31
N ASP A 307 24.32 -33.42 2.82
CA ASP A 307 23.00 -33.36 3.42
C ASP A 307 21.91 -32.87 2.45
N MET A 308 22.23 -32.77 1.16
CA MET A 308 21.40 -31.93 0.27
C MET A 308 19.94 -32.38 0.27
N ALA A 309 19.68 -33.69 0.24
CA ALA A 309 18.29 -34.16 0.14
C ALA A 309 17.48 -33.81 1.38
N LYS A 310 18.14 -33.72 2.52
CA LYS A 310 17.46 -33.33 3.75
C LYS A 310 17.31 -31.81 3.90
N VAL A 311 18.30 -31.05 3.45
CA VAL A 311 18.26 -29.58 3.52
C VAL A 311 17.17 -29.02 2.59
N ALA A 312 17.04 -29.59 1.39
CA ALA A 312 16.16 -29.03 0.36
C ALA A 312 15.33 -30.12 -0.28
N PRO A 313 14.35 -30.67 0.44
CA PRO A 313 13.50 -31.72 -0.14
C PRO A 313 12.71 -31.27 -1.36
N MET A 314 12.52 -29.96 -1.56
N MET A 314 12.52 -29.96 -1.54
CA MET A 314 11.82 -29.53 -2.76
CA MET A 314 11.85 -29.46 -2.73
C MET A 314 12.62 -29.74 -4.03
C MET A 314 12.62 -29.74 -4.02
N LEU A 315 13.94 -29.96 -3.95
CA LEU A 315 14.68 -30.29 -5.18
C LEU A 315 14.08 -31.52 -5.82
N ALA A 316 14.00 -32.63 -5.09
CA ALA A 316 13.48 -33.85 -5.73
C ALA A 316 12.01 -33.70 -6.12
N GLN A 317 11.24 -32.99 -5.28
CA GLN A 317 9.83 -32.77 -5.57
C GLN A 317 9.63 -32.07 -6.90
N LEU A 318 10.57 -31.17 -7.26
CA LEU A 318 10.46 -30.45 -8.52
C LEU A 318 11.16 -31.15 -9.67
N GLY A 319 11.88 -32.24 -9.41
CA GLY A 319 12.55 -32.99 -10.44
C GLY A 319 14.05 -32.84 -10.47
N TYR A 320 14.65 -32.12 -9.52
CA TYR A 320 16.10 -31.94 -9.46
C TYR A 320 16.71 -33.00 -8.54
N ASP A 321 17.65 -33.80 -9.05
CA ASP A 321 18.23 -34.85 -8.20
C ASP A 321 19.18 -34.24 -7.18
N PRO A 322 18.87 -34.34 -5.89
CA PRO A 322 19.72 -33.72 -4.85
C PRO A 322 21.03 -34.44 -4.68
N ALA A 323 21.15 -35.66 -5.23
CA ALA A 323 22.40 -36.41 -5.14
C ALA A 323 23.34 -36.11 -6.29
N ALA A 324 22.92 -35.27 -7.27
CA ALA A 324 23.68 -35.08 -8.47
C ALA A 324 24.27 -33.68 -8.48
N ASN A 325 25.51 -33.57 -8.95
CA ASN A 325 26.31 -32.33 -8.84
C ASN A 325 27.02 -32.15 -10.17
N PRO A 326 26.31 -31.72 -11.22
CA PRO A 326 24.87 -31.35 -11.30
C PRO A 326 24.02 -32.51 -11.80
N PRO A 327 22.70 -32.38 -11.67
CA PRO A 327 21.79 -33.20 -12.49
C PRO A 327 22.13 -33.01 -13.94
N ASP A 328 21.75 -34.01 -14.74
CA ASP A 328 21.78 -33.87 -16.18
C ASP A 328 20.51 -33.12 -16.60
N TYR A 329 20.61 -31.81 -16.82
CA TYR A 329 19.39 -31.05 -17.09
C TYR A 329 18.84 -31.34 -18.48
N GLY A 330 19.66 -31.89 -19.36
CA GLY A 330 19.25 -32.21 -20.72
C GLY A 330 20.25 -31.76 -21.74
N GLN A 331 19.89 -32.01 -23.04
CA GLN A 331 20.85 -31.68 -24.07
C GLN A 331 20.55 -30.34 -24.68
N PRO A 332 21.51 -29.44 -24.82
CA PRO A 332 21.20 -28.11 -25.33
C PRO A 332 20.86 -28.12 -26.80
N ASP A 333 19.85 -27.34 -27.14
N ASP A 333 19.83 -27.38 -27.17
CA ASP A 333 19.57 -27.15 -28.55
CA ASP A 333 19.53 -27.27 -28.60
C ASP A 333 20.77 -26.51 -29.24
C ASP A 333 20.61 -26.43 -29.29
N ASN A 334 20.93 -26.78 -30.53
CA ASN A 334 22.04 -26.13 -31.22
C ASN A 334 21.90 -24.61 -31.27
N PHE A 335 20.66 -24.07 -31.23
CA PHE A 335 20.47 -22.63 -31.20
C PHE A 335 21.19 -22.02 -29.99
N VAL A 336 21.03 -22.65 -28.83
N VAL A 336 21.01 -22.62 -28.83
CA VAL A 336 21.59 -22.06 -27.59
CA VAL A 336 21.63 -22.05 -27.63
C VAL A 336 23.08 -22.38 -27.46
C VAL A 336 23.11 -22.32 -27.59
N LEU A 337 23.54 -23.52 -27.98
CA LEU A 337 24.98 -23.77 -28.09
C LEU A 337 25.68 -22.72 -28.94
N ASN A 338 25.09 -22.38 -30.09
CA ASN A 338 25.62 -21.37 -30.98
C ASN A 338 25.60 -19.99 -30.34
N ASN A 339 24.51 -19.65 -29.64
CA ASN A 339 24.52 -18.36 -28.94
C ASN A 339 25.67 -18.31 -27.96
N THR A 340 25.90 -19.40 -27.24
CA THR A 340 26.93 -19.44 -26.20
C THR A 340 28.30 -19.27 -26.84
N LEU A 341 28.54 -19.97 -27.94
N LEU A 341 28.55 -19.97 -27.94
CA LEU A 341 29.80 -19.83 -28.65
CA LEU A 341 29.83 -19.82 -28.63
C LEU A 341 30.03 -18.40 -29.12
C LEU A 341 30.04 -18.39 -29.11
N GLU A 342 28.98 -17.75 -29.64
CA GLU A 342 29.12 -16.40 -30.20
C GLU A 342 29.41 -15.39 -29.10
N ILE A 343 28.80 -15.57 -27.93
CA ILE A 343 29.10 -14.68 -26.80
C ILE A 343 30.56 -14.80 -26.42
N LYS A 344 31.08 -16.02 -26.43
CA LYS A 344 32.48 -16.19 -26.10
C LYS A 344 33.37 -15.48 -27.12
N LYS A 345 32.97 -15.53 -28.40
CA LYS A 345 33.76 -14.84 -29.42
C LYS A 345 33.76 -13.33 -29.22
N LYS A 346 32.59 -12.75 -28.91
CA LYS A 346 32.47 -11.31 -28.75
C LYS A 346 32.67 -10.86 -27.31
N MET A 347 33.54 -11.56 -26.57
CA MET A 347 33.62 -11.36 -25.13
C MET A 347 34.08 -9.95 -24.77
N GLU A 348 34.88 -9.31 -25.63
CA GLU A 348 35.32 -7.95 -25.41
C GLU A 348 34.19 -6.95 -25.63
N GLU A 349 33.34 -7.20 -26.63
CA GLU A 349 32.15 -6.37 -26.79
C GLU A 349 31.23 -6.48 -25.57
N TRP A 350 31.03 -7.70 -25.05
CA TRP A 350 30.16 -7.89 -23.89
C TRP A 350 30.80 -7.34 -22.62
N GLN A 351 32.12 -7.42 -22.50
CA GLN A 351 32.79 -6.84 -21.34
C GLN A 351 32.61 -5.33 -21.31
N ALA A 352 32.63 -4.69 -22.49
CA ALA A 352 32.39 -3.25 -22.57
C ALA A 352 31.02 -2.87 -22.04
N ARG A 353 29.98 -3.56 -22.51
CA ARG A 353 28.63 -3.25 -22.03
C ARG A 353 28.49 -3.55 -20.55
N GLU A 354 29.11 -4.63 -20.05
N GLU A 354 29.11 -4.64 -20.08
CA GLU A 354 29.07 -4.88 -18.61
CA GLU A 354 29.17 -4.95 -18.66
C GLU A 354 29.69 -3.73 -17.84
C GLU A 354 29.71 -3.77 -17.86
N ARG A 355 30.80 -3.18 -18.35
CA ARG A 355 31.43 -2.06 -17.69
C ARG A 355 30.55 -0.82 -17.73
N GLU A 356 30.03 -0.49 -18.92
CA GLU A 356 29.14 0.65 -19.08
C GLU A 356 27.93 0.57 -18.15
N LEU A 357 27.49 -0.66 -17.80
CA LEU A 357 26.41 -0.79 -16.83
C LEU A 357 26.90 -0.49 -15.42
N GLU A 358 28.12 -0.96 -15.07
CA GLU A 358 28.64 -0.71 -13.74
C GLU A 358 28.96 0.76 -13.54
N GLU A 359 29.32 1.46 -14.62
CA GLU A 359 29.58 2.88 -14.53
C GLU A 359 28.29 3.70 -14.52
N HIS A 360 27.25 3.26 -15.25
CA HIS A 360 25.93 3.86 -15.09
C HIS A 360 25.36 3.58 -13.71
N ARG A 361 25.87 2.57 -13.00
CA ARG A 361 25.50 2.33 -11.61
C ARG A 361 26.20 3.28 -10.68
N GLU A 362 27.48 3.56 -10.92
CA GLU A 362 28.24 4.41 -10.00
C GLU A 362 27.79 5.86 -10.09
N LEU A 363 27.43 6.32 -11.29
CA LEU A 363 26.82 7.63 -11.44
C LEU A 363 25.61 7.79 -10.52
N ILE A 364 24.84 6.71 -10.35
CA ILE A 364 23.67 6.76 -9.50
C ILE A 364 24.07 6.67 -8.03
N LYS A 365 25.03 5.78 -7.69
CA LYS A 365 25.48 5.70 -6.30
C LYS A 365 26.21 6.97 -5.86
N GLN A 366 26.67 7.79 -6.81
CA GLN A 366 27.14 9.13 -6.46
C GLN A 366 25.97 10.07 -6.19
N SER A 367 24.95 10.04 -7.03
CA SER A 367 23.74 10.83 -6.85
C SER A 367 22.96 10.45 -5.59
N ILE A 368 23.29 9.32 -4.95
CA ILE A 368 22.62 8.89 -3.72
C ILE A 368 23.38 9.37 -2.50
N ALA A 369 24.72 9.29 -2.52
CA ALA A 369 25.51 9.92 -1.47
C ALA A 369 25.49 11.43 -1.57
N LYS A 370 25.09 11.97 -2.73
CA LYS A 370 24.83 13.41 -2.84
C LYS A 370 23.55 13.79 -2.10
N LYS A 371 22.57 12.88 -2.06
CA LYS A 371 21.35 13.06 -1.27
C LYS A 371 21.66 12.86 0.21
N LYS A 372 22.91 13.11 0.60
CA LYS A 372 23.39 12.98 1.97
C LYS A 372 24.32 14.13 2.34
N PHE B 2 16.06 -0.39 2.38
CA PHE B 2 15.30 -1.47 1.74
C PHE B 2 16.24 -2.47 1.04
N ASP B 3 15.99 -3.77 1.21
CA ASP B 3 16.76 -4.78 0.49
C ASP B 3 16.34 -4.82 -0.98
N GLU B 4 17.16 -5.50 -1.80
CA GLU B 4 16.76 -5.74 -3.19
C GLU B 4 15.39 -6.43 -3.27
N TYR B 5 15.13 -7.39 -2.37
CA TYR B 5 13.85 -8.09 -2.32
C TYR B 5 13.38 -8.29 -0.89
N GLU B 6 12.06 -8.34 -0.71
CA GLU B 6 11.45 -8.66 0.57
C GLU B 6 10.42 -9.77 0.37
N GLU B 7 10.50 -10.83 1.16
CA GLU B 7 9.68 -12.02 0.92
C GLU B 7 8.18 -11.73 1.02
N ASN C 40 3.06 11.50 -26.77
CA ASN C 40 2.87 11.03 -25.41
C ASN C 40 1.76 9.99 -25.31
N PHE C 41 1.59 9.43 -24.11
CA PHE C 41 0.51 8.50 -23.81
C PHE C 41 -0.42 9.15 -22.79
N THR C 42 -1.72 9.16 -23.08
CA THR C 42 -2.74 9.70 -22.20
C THR C 42 -3.63 8.59 -21.66
N TYR C 43 -4.07 8.74 -20.42
CA TYR C 43 -4.79 7.70 -19.68
C TYR C 43 -6.18 8.22 -19.29
N VAL C 44 -7.15 8.03 -20.19
CA VAL C 44 -8.52 8.44 -19.91
C VAL C 44 -9.13 7.51 -18.85
N SER C 45 -9.55 8.08 -17.73
CA SER C 45 -10.26 7.37 -16.67
C SER C 45 -11.70 7.88 -16.60
N PRO C 46 -12.62 7.30 -17.36
CA PRO C 46 -14.04 7.67 -17.22
C PRO C 46 -14.59 7.34 -15.85
N ASP C 47 -15.81 7.81 -15.61
CA ASP C 47 -16.40 7.75 -14.29
C ASP C 47 -16.92 6.34 -14.01
N ARG C 48 -16.24 5.64 -13.09
CA ARG C 48 -16.88 4.57 -12.35
C ARG C 48 -18.01 5.16 -11.52
N TYR C 49 -18.97 4.32 -11.12
CA TYR C 49 -20.12 4.88 -10.40
C TYR C 49 -20.69 3.89 -9.40
N VAL C 50 -21.56 4.42 -8.54
CA VAL C 50 -22.27 3.68 -7.50
C VAL C 50 -23.76 3.73 -7.82
N LEU C 51 -24.42 2.58 -7.67
CA LEU C 51 -25.88 2.48 -7.71
C LEU C 51 -26.38 2.09 -6.33
N GLY C 52 -27.03 3.02 -5.64
CA GLY C 52 -27.83 2.69 -4.48
C GLY C 52 -29.16 2.15 -4.92
N PRO C 53 -30.10 1.98 -3.99
CA PRO C 53 -31.46 1.61 -4.38
C PRO C 53 -32.08 2.64 -5.31
N ASP C 54 -33.05 2.18 -6.11
CA ASP C 54 -33.74 2.98 -7.13
C ASP C 54 -32.81 3.44 -8.25
N SER C 55 -31.68 2.74 -8.43
CA SER C 55 -30.75 2.94 -9.55
C SER C 55 -30.23 4.38 -9.65
N ARG C 56 -30.24 5.12 -8.53
CA ARG C 56 -29.67 6.46 -8.51
C ARG C 56 -28.15 6.38 -8.65
N ARG C 57 -27.63 6.98 -9.73
CA ARG C 57 -26.22 6.82 -10.10
C ARG C 57 -25.33 7.77 -9.31
N TYR C 58 -24.18 7.26 -8.86
CA TYR C 58 -23.19 8.04 -8.11
C TYR C 58 -21.82 7.83 -8.74
N PRO C 59 -21.44 8.65 -9.73
CA PRO C 59 -20.12 8.49 -10.35
C PRO C 59 -19.00 8.96 -9.44
N TYR C 60 -17.79 8.43 -9.67
CA TYR C 60 -16.65 8.80 -8.83
C TYR C 60 -15.34 8.78 -9.61
N ASN C 61 -14.48 9.76 -9.32
CA ASN C 61 -13.15 9.86 -9.91
C ASN C 61 -12.34 10.79 -9.03
N ASN C 62 -11.09 11.05 -9.44
CA ASN C 62 -10.17 11.81 -8.58
C ASN C 62 -10.54 13.27 -8.48
N ASP C 63 -11.41 13.75 -9.36
CA ASP C 63 -11.73 15.15 -9.36
C ASP C 63 -12.96 15.42 -8.51
N MET C 64 -13.50 14.38 -7.79
CA MET C 64 -14.74 14.69 -7.11
C MET C 64 -14.41 15.52 -5.86
N PRO C 65 -15.40 16.23 -5.34
CA PRO C 65 -15.20 17.11 -4.20
C PRO C 65 -15.24 16.34 -2.89
N LEU C 66 -14.19 15.58 -2.61
CA LEU C 66 -14.07 14.80 -1.38
C LEU C 66 -13.88 15.74 -0.20
N ILE C 67 -14.14 15.22 1.00
CA ILE C 67 -13.89 15.95 2.25
C ILE C 67 -12.98 15.09 3.10
N PHE C 68 -11.80 15.58 3.50
CA PHE C 68 -10.91 14.85 4.39
C PHE C 68 -10.92 15.57 5.74
N ILE C 69 -11.16 14.84 6.82
CA ILE C 69 -11.16 15.40 8.17
C ILE C 69 -10.00 14.76 8.93
N GLY C 70 -9.26 15.55 9.67
CA GLY C 70 -8.20 14.98 10.47
C GLY C 70 -7.75 15.91 11.54
N GLY C 71 -6.58 15.65 12.09
CA GLY C 71 -6.02 16.34 13.24
C GLY C 71 -5.46 15.30 14.21
N MET C 72 -5.11 15.75 15.40
N MET C 72 -5.12 15.76 15.41
CA MET C 72 -4.66 14.78 16.43
CA MET C 72 -4.72 14.81 16.44
C MET C 72 -5.82 13.89 16.85
C MET C 72 -5.88 13.86 16.74
N PRO C 73 -5.57 12.60 17.07
CA PRO C 73 -6.57 11.80 17.79
C PRO C 73 -6.93 12.51 19.10
N ARG C 74 -8.18 12.35 19.52
CA ARG C 74 -8.73 12.93 20.77
C ARG C 74 -8.87 14.46 20.65
N SER C 75 -9.19 14.96 19.44
CA SER C 75 -9.38 16.40 19.28
CA SER C 75 -9.37 16.40 19.22
C SER C 75 -10.78 16.74 18.75
N GLY C 76 -11.72 15.81 18.86
CA GLY C 76 -13.06 16.07 18.31
C GLY C 76 -13.25 15.66 16.86
N THR C 77 -12.35 14.85 16.30
CA THR C 77 -12.48 14.41 14.91
C THR C 77 -13.70 13.49 14.68
N THR C 78 -14.03 12.60 15.63
CA THR C 78 -15.21 11.79 15.39
C THR C 78 -16.48 12.62 15.53
N LEU C 79 -16.50 13.52 16.53
CA LEU C 79 -17.66 14.42 16.65
C LEU C 79 -17.92 15.13 15.33
N VAL C 80 -16.87 15.79 14.75
CA VAL C 80 -17.20 16.60 13.59
C VAL C 80 -17.60 15.73 12.41
N ARG C 81 -17.00 14.53 12.27
CA ARG C 81 -17.41 13.72 11.13
C ARG C 81 -18.83 13.17 11.32
N VAL C 82 -19.25 12.91 12.56
CA VAL C 82 -20.60 12.46 12.86
C VAL C 82 -21.62 13.59 12.62
N LEU C 83 -21.23 14.83 12.94
CA LEU C 83 -22.14 15.95 12.63
C LEU C 83 -22.32 16.12 11.12
N LEU C 84 -21.27 15.87 10.32
CA LEU C 84 -21.41 15.91 8.86
C LEU C 84 -22.20 14.71 8.34
N ASP C 85 -22.00 13.52 8.95
CA ASP C 85 -22.79 12.37 8.57
C ASP C 85 -24.27 12.66 8.82
N ALA C 86 -24.56 13.45 9.82
CA ALA C 86 -25.97 13.76 10.08
C ALA C 86 -26.59 14.59 8.97
N HIS C 87 -25.79 15.21 8.09
CA HIS C 87 -26.33 15.94 6.97
C HIS C 87 -26.77 14.95 5.90
N PRO C 88 -27.92 15.16 5.26
CA PRO C 88 -28.39 14.17 4.27
C PRO C 88 -27.49 14.08 3.06
N ASP C 89 -26.71 15.12 2.75
CA ASP C 89 -25.93 15.10 1.53
C ASP C 89 -24.53 14.52 1.69
N VAL C 90 -24.09 14.24 2.92
CA VAL C 90 -22.70 13.90 3.19
C VAL C 90 -22.63 12.54 3.89
N ARG C 91 -21.69 11.66 3.47
CA ARG C 91 -21.43 10.46 4.25
C ARG C 91 -19.93 10.38 4.51
N CYS C 92 -19.56 10.19 5.78
CA CYS C 92 -18.18 9.99 6.18
CA CYS C 92 -18.18 10.01 6.21
C CYS C 92 -17.94 8.55 6.60
N GLY C 93 -18.61 8.10 7.64
CA GLY C 93 -18.45 6.73 8.12
C GLY C 93 -17.23 6.57 9.02
N GLU C 94 -16.91 5.31 9.33
CA GLU C 94 -15.88 4.98 10.32
C GLU C 94 -14.45 5.25 9.81
N GLU C 95 -13.50 5.22 10.75
CA GLU C 95 -12.07 5.30 10.37
C GLU C 95 -11.71 4.10 9.53
N THR C 96 -10.93 4.35 8.47
CA THR C 96 -10.60 3.24 7.58
C THR C 96 -9.33 2.51 7.97
N ARG C 97 -8.40 3.17 8.68
CA ARG C 97 -7.14 2.66 9.18
C ARG C 97 -6.18 2.39 8.01
N VAL C 98 -6.67 1.84 6.91
CA VAL C 98 -5.75 1.50 5.80
C VAL C 98 -5.28 2.74 5.06
N ILE C 99 -6.08 3.79 5.01
CA ILE C 99 -5.65 4.97 4.26
C ILE C 99 -4.43 5.59 4.94
N PRO C 100 -4.44 5.88 6.25
CA PRO C 100 -3.22 6.46 6.85
C PRO C 100 -2.05 5.50 6.77
N ARG C 101 -2.34 4.21 6.84
CA ARG C 101 -1.24 3.25 6.79
C ARG C 101 -0.60 3.22 5.41
N LEU C 102 -1.41 3.29 4.35
N LEU C 102 -1.40 3.34 4.35
CA LEU C 102 -0.82 3.36 3.00
CA LEU C 102 -0.85 3.37 3.00
C LEU C 102 -0.02 4.64 2.83
C LEU C 102 -0.10 4.66 2.73
N LEU C 103 -0.55 5.77 3.32
CA LEU C 103 0.16 7.03 3.16
C LEU C 103 1.50 6.97 3.89
N SER C 104 1.54 6.29 5.02
CA SER C 104 2.80 6.22 5.76
C SER C 104 3.81 5.35 5.02
N LEU C 105 3.34 4.24 4.46
CA LEU C 105 4.26 3.37 3.73
C LEU C 105 4.82 4.08 2.52
N LYS C 106 3.97 4.83 1.81
CA LYS C 106 4.41 5.60 0.65
C LYS C 106 5.49 6.63 1.01
N GLN C 107 5.33 7.28 2.17
CA GLN C 107 6.37 8.19 2.65
C GLN C 107 7.68 7.45 2.87
N GLN C 108 7.63 6.25 3.44
CA GLN C 108 8.86 5.49 3.66
C GLN C 108 9.58 5.24 2.34
N TRP C 109 8.84 4.97 1.27
CA TRP C 109 9.49 4.69 -0.01
C TRP C 109 10.20 5.91 -0.56
N VAL C 110 9.46 6.99 -0.82
CA VAL C 110 10.01 8.15 -1.50
C VAL C 110 10.95 8.98 -0.62
N LYS C 111 10.96 8.74 0.69
CA LYS C 111 11.89 9.40 1.59
C LYS C 111 13.29 8.80 1.50
N ASN C 112 13.41 7.54 1.09
CA ASN C 112 14.68 6.85 1.15
C ASN C 112 15.38 7.02 -0.19
N PRO C 113 16.55 7.65 -0.25
CA PRO C 113 17.14 7.98 -1.56
C PRO C 113 17.39 6.78 -2.45
N THR C 114 17.92 5.69 -1.89
CA THR C 114 18.18 4.51 -2.69
C THR C 114 16.88 3.96 -3.27
N GLU C 115 15.86 3.81 -2.43
CA GLU C 115 14.59 3.28 -2.93
C GLU C 115 13.93 4.22 -3.92
N MET C 116 14.01 5.53 -3.69
N MET C 116 14.03 5.53 -3.71
CA MET C 116 13.53 6.52 -4.65
CA MET C 116 13.46 6.45 -4.70
C MET C 116 14.17 6.29 -6.03
C MET C 116 14.15 6.31 -6.05
N HIS C 117 15.47 6.02 -6.06
CA HIS C 117 16.16 5.84 -7.34
C HIS C 117 15.75 4.52 -7.99
N ARG C 118 15.64 3.46 -7.17
CA ARG C 118 15.19 2.18 -7.72
C ARG C 118 13.79 2.33 -8.32
N LEU C 119 12.89 3.06 -7.63
CA LEU C 119 11.56 3.22 -8.19
C LEU C 119 11.59 3.97 -9.52
N LEU C 120 12.36 5.06 -9.61
CA LEU C 120 12.37 5.82 -10.85
C LEU C 120 12.92 4.98 -12.01
N GLU C 121 13.95 4.19 -11.73
CA GLU C 121 14.54 3.29 -12.75
C GLU C 121 13.62 2.12 -13.08
N GLY C 122 12.68 1.78 -12.21
CA GLY C 122 11.60 0.87 -12.59
C GLY C 122 10.42 1.49 -13.29
N GLY C 123 10.44 2.78 -13.67
CA GLY C 123 9.30 3.40 -14.26
C GLY C 123 8.26 3.92 -13.26
N ILE C 124 8.54 3.86 -11.96
CA ILE C 124 7.54 4.23 -10.94
C ILE C 124 7.83 5.70 -10.62
N THR C 125 7.32 6.55 -11.49
CA THR C 125 7.42 7.99 -11.36
C THR C 125 6.40 8.46 -10.33
N ASP C 126 6.50 9.74 -9.96
CA ASP C 126 5.42 10.33 -9.15
C ASP C 126 4.06 10.19 -9.80
N GLU C 127 4.01 10.36 -11.13
N GLU C 127 3.98 10.42 -11.12
CA GLU C 127 2.74 10.30 -11.84
CA GLU C 127 2.72 10.28 -11.82
C GLU C 127 2.13 8.90 -11.74
C GLU C 127 2.14 8.88 -11.60
N VAL C 128 2.97 7.85 -11.76
CA VAL C 128 2.48 6.49 -11.63
C VAL C 128 2.03 6.21 -10.20
N LEU C 129 2.90 6.54 -9.25
CA LEU C 129 2.60 6.29 -7.84
C LEU C 129 1.37 7.08 -7.43
N ASP C 130 1.21 8.32 -7.94
CA ASP C 130 0.01 9.08 -7.54
C ASP C 130 -1.27 8.44 -8.07
N ALA C 131 -1.21 7.93 -9.31
CA ALA C 131 -2.36 7.28 -9.90
C ALA C 131 -2.73 6.06 -9.08
N ALA C 132 -1.74 5.31 -8.63
CA ALA C 132 -2.01 4.09 -7.84
C ALA C 132 -2.55 4.44 -6.45
N MET C 133 -1.89 5.38 -5.79
CA MET C 133 -2.36 5.76 -4.46
C MET C 133 -3.75 6.35 -4.46
N SER C 134 -4.02 7.26 -5.42
CA SER C 134 -5.34 7.86 -5.51
C SER C 134 -6.40 6.80 -5.79
N ALA C 135 -6.06 5.79 -6.62
CA ALA C 135 -7.08 4.80 -6.92
C ALA C 135 -7.42 3.99 -5.67
N PHE C 136 -6.42 3.60 -4.91
CA PHE C 136 -6.60 2.81 -3.72
C PHE C 136 -7.48 3.58 -2.74
N ILE C 137 -7.08 4.82 -2.48
CA ILE C 137 -7.77 5.64 -1.45
C ILE C 137 -9.23 5.89 -1.86
N LEU C 138 -9.46 6.24 -3.10
CA LEU C 138 -10.79 6.49 -3.59
C LEU C 138 -11.68 5.26 -3.51
N GLU C 139 -11.16 4.07 -3.85
CA GLU C 139 -11.98 2.87 -3.69
C GLU C 139 -12.41 2.66 -2.25
N VAL C 140 -11.49 2.85 -1.28
CA VAL C 140 -11.85 2.64 0.13
C VAL C 140 -12.96 3.63 0.50
N ILE C 141 -12.75 4.90 0.17
CA ILE C 141 -13.73 5.95 0.59
C ILE C 141 -15.10 5.64 -0.01
N VAL C 142 -15.14 5.31 -1.29
CA VAL C 142 -16.39 5.04 -1.98
C VAL C 142 -17.07 3.80 -1.41
N ARG C 143 -16.32 2.69 -1.23
CA ARG C 143 -17.00 1.42 -0.97
C ARG C 143 -17.25 1.06 0.48
N HIS C 144 -16.62 1.73 1.47
CA HIS C 144 -16.76 1.25 2.83
C HIS C 144 -17.99 1.81 3.51
N GLY C 145 -18.82 2.53 2.76
CA GLY C 145 -20.03 3.08 3.33
C GLY C 145 -21.11 3.30 2.29
N LYS C 146 -22.25 3.81 2.78
CA LYS C 146 -23.34 4.07 1.87
C LYS C 146 -23.03 5.26 0.96
N PRO C 147 -23.63 5.33 -0.23
CA PRO C 147 -23.35 6.44 -1.14
C PRO C 147 -24.04 7.73 -0.70
N ALA C 148 -23.49 8.86 -1.14
CA ALA C 148 -24.05 10.16 -0.82
C ALA C 148 -23.52 11.14 -1.84
N PRO C 149 -24.19 12.28 -2.00
CA PRO C 149 -23.72 13.28 -2.95
C PRO C 149 -22.34 13.79 -2.67
N ARG C 150 -21.94 13.87 -1.40
CA ARG C 150 -20.58 14.26 -1.03
C ARG C 150 -20.01 13.18 -0.14
N LEU C 151 -18.79 12.72 -0.46
CA LEU C 151 -18.13 11.70 0.33
C LEU C 151 -17.03 12.33 1.17
N CYS C 152 -16.84 11.76 2.33
CA CYS C 152 -15.94 12.25 3.34
CA CYS C 152 -15.77 12.23 3.20
C CYS C 152 -15.11 11.08 3.89
N ASN C 153 -13.94 11.38 4.42
CA ASN C 153 -13.14 10.42 5.16
C ASN C 153 -12.61 11.09 6.41
N LYS C 154 -12.61 10.38 7.53
CA LYS C 154 -11.89 10.83 8.70
C LYS C 154 -10.97 9.74 9.18
N ASP C 155 -9.68 10.02 9.14
CA ASP C 155 -8.63 9.23 9.74
C ASP C 155 -7.64 10.27 10.26
N PRO C 156 -7.54 10.49 11.56
CA PRO C 156 -6.81 11.67 12.09
C PRO C 156 -5.50 12.05 11.40
N PHE C 157 -4.56 11.08 11.26
CA PHE C 157 -3.25 11.54 10.79
C PHE C 157 -3.14 11.72 9.29
N THR C 158 -4.23 11.55 8.52
CA THR C 158 -4.17 11.91 7.11
C THR C 158 -3.87 13.39 6.93
N LEU C 159 -4.18 14.24 7.92
CA LEU C 159 -3.90 15.66 7.71
C LEU C 159 -2.40 15.98 7.74
N ARG C 160 -1.56 15.04 8.21
CA ARG C 160 -0.12 15.20 8.02
C ARG C 160 0.28 15.14 6.56
N ALA C 161 -0.58 14.60 5.72
CA ALA C 161 -0.33 14.42 4.30
C ALA C 161 -1.27 15.27 3.45
N ALA C 162 -1.77 16.41 3.99
CA ALA C 162 -2.80 17.13 3.28
C ALA C 162 -2.31 17.72 1.96
N VAL C 163 -1.07 18.21 1.91
CA VAL C 163 -0.58 18.77 0.65
C VAL C 163 -0.50 17.66 -0.42
N TYR C 164 -0.04 16.49 -0.03
CA TYR C 164 -0.02 15.36 -0.98
C TYR C 164 -1.43 14.93 -1.37
N LEU C 165 -2.37 14.85 -0.41
CA LEU C 165 -3.72 14.50 -0.83
C LEU C 165 -4.34 15.55 -1.76
N HIS C 166 -3.95 16.84 -1.64
CA HIS C 166 -4.47 17.81 -2.57
C HIS C 166 -3.90 17.59 -3.98
N ARG C 167 -2.68 17.07 -4.06
CA ARG C 167 -2.12 16.70 -5.38
C ARG C 167 -2.90 15.54 -6.00
N LEU C 168 -3.32 14.56 -5.17
CA LEU C 168 -4.11 13.45 -5.69
C LEU C 168 -5.52 13.83 -6.03
N PHE C 169 -6.15 14.67 -5.16
CA PHE C 169 -7.56 14.97 -5.26
C PHE C 169 -7.71 16.48 -5.31
N PRO C 170 -7.63 17.08 -6.50
CA PRO C 170 -7.46 18.55 -6.57
C PRO C 170 -8.65 19.34 -6.08
N ARG C 171 -9.84 18.76 -6.08
CA ARG C 171 -11.04 19.46 -5.61
C ARG C 171 -11.44 19.04 -4.19
N ALA C 172 -10.61 18.26 -3.50
CA ALA C 172 -10.96 17.89 -2.14
C ALA C 172 -10.79 19.12 -1.24
N LYS C 173 -11.52 19.12 -0.13
CA LYS C 173 -11.34 20.14 0.91
C LYS C 173 -11.01 19.41 2.20
N PHE C 174 -10.42 20.13 3.16
CA PHE C 174 -9.82 19.54 4.34
C PHE C 174 -10.37 20.28 5.55
N LEU C 175 -10.70 19.54 6.59
CA LEU C 175 -11.08 20.11 7.90
C LEU C 175 -10.01 19.65 8.86
N LEU C 176 -9.32 20.58 9.49
CA LEU C 176 -8.29 20.24 10.46
C LEU C 176 -8.87 20.56 11.85
N MET C 177 -9.15 19.53 12.65
CA MET C 177 -9.56 19.79 14.04
C MET C 177 -8.42 20.32 14.87
N ILE C 178 -8.73 21.35 15.66
N ILE C 178 -8.73 21.29 15.73
CA ILE C 178 -7.83 21.96 16.63
CA ILE C 178 -7.75 21.85 16.64
C ILE C 178 -8.47 21.76 18.01
C ILE C 178 -8.37 21.91 18.04
N ARG C 179 -7.67 21.34 19.02
CA ARG C 179 -8.17 21.27 20.38
C ARG C 179 -7.00 21.60 21.28
N ASP C 180 -7.29 22.23 22.42
CA ASP C 180 -6.22 22.51 23.41
C ASP C 180 -5.39 21.26 23.62
N GLY C 181 -4.08 21.38 23.36
CA GLY C 181 -3.20 20.21 23.50
C GLY C 181 -3.23 19.58 24.88
N ARG C 182 -3.56 20.36 25.92
CA ARG C 182 -3.62 19.80 27.27
C ARG C 182 -4.82 18.88 27.40
N ALA C 183 -5.93 19.24 26.74
CA ALA C 183 -7.09 18.35 26.73
C ALA C 183 -6.81 17.11 25.93
N VAL C 184 -6.14 17.26 24.79
CA VAL C 184 -5.81 16.13 23.91
C VAL C 184 -4.94 15.12 24.66
N VAL C 185 -3.89 15.61 25.31
CA VAL C 185 -2.95 14.69 26.00
C VAL C 185 -3.61 14.08 27.24
N HIS C 186 -4.40 14.86 27.96
CA HIS C 186 -5.15 14.28 29.09
C HIS C 186 -6.03 13.13 28.63
N SER C 187 -6.68 13.28 27.47
CA SER C 187 -7.54 12.24 26.95
C SER C 187 -6.73 11.00 26.60
N ILE C 188 -5.67 11.20 25.83
CA ILE C 188 -4.79 10.11 25.44
C ILE C 188 -4.35 9.32 26.66
N ILE C 189 -3.90 10.01 27.70
CA ILE C 189 -3.33 9.35 28.89
C ILE C 189 -4.42 8.73 29.76
N THR C 190 -5.53 9.44 30.04
CA THR C 190 -6.51 8.87 30.96
C THR C 190 -7.28 7.74 30.32
N ARG C 191 -7.49 7.79 29.00
CA ARG C 191 -8.22 6.74 28.30
C ARG C 191 -7.28 5.66 27.75
N LYS C 192 -5.98 5.83 27.98
CA LYS C 192 -4.95 4.92 27.47
C LYS C 192 -5.17 4.60 25.98
N VAL C 193 -5.20 5.67 25.18
CA VAL C 193 -5.24 5.54 23.73
C VAL C 193 -3.84 5.24 23.22
N THR C 194 -3.65 4.12 22.54
CA THR C 194 -2.30 3.80 22.08
C THR C 194 -2.02 4.47 20.75
N ILE C 195 -0.94 5.25 20.72
CA ILE C 195 -0.45 5.92 19.53
C ILE C 195 1.04 5.67 19.49
N THR C 196 1.53 5.22 18.35
CA THR C 196 2.94 4.86 18.25
C THR C 196 3.81 6.04 18.64
N GLY C 197 4.69 5.84 19.63
CA GLY C 197 5.61 6.88 20.04
C GLY C 197 5.13 7.76 21.17
N TYR C 198 3.90 7.56 21.66
CA TYR C 198 3.39 8.29 22.82
C TYR C 198 3.59 7.45 24.07
N ASP C 199 4.31 8.01 25.05
CA ASP C 199 4.55 7.35 26.33
C ASP C 199 3.44 7.72 27.29
N LEU C 200 2.52 6.78 27.53
CA LEU C 200 1.33 7.06 28.32
C LEU C 200 1.65 7.29 29.80
N SER C 201 2.87 7.07 30.26
CA SER C 201 3.21 7.43 31.62
C SER C 201 3.75 8.85 31.76
N ASP C 202 3.82 9.62 30.66
CA ASP C 202 4.64 10.85 30.63
C ASP C 202 3.87 12.00 29.96
N TYR C 203 3.28 12.91 30.76
CA TYR C 203 2.55 14.05 30.19
C TYR C 203 3.45 14.94 29.34
N ARG C 204 4.66 15.21 29.83
CA ARG C 204 5.56 16.11 29.11
C ARG C 204 5.94 15.56 27.75
N GLN C 205 6.25 14.26 27.69
CA GLN C 205 6.61 13.68 26.41
C GLN C 205 5.44 13.71 25.44
N CYS C 206 4.24 13.40 25.94
CA CYS C 206 3.07 13.40 25.07
C CYS C 206 2.74 14.82 24.58
N LEU C 207 2.93 15.83 25.43
CA LEU C 207 2.67 17.20 24.95
C LEU C 207 3.73 17.65 23.92
N LYS C 208 5.00 17.25 24.07
CA LYS C 208 5.94 17.52 23.00
C LYS C 208 5.57 16.84 21.69
N ARG C 209 5.07 15.59 21.75
CA ARG C 209 4.62 14.91 20.53
C ARG C 209 3.41 15.60 19.92
N TRP C 210 2.42 15.95 20.77
CA TRP C 210 1.28 16.73 20.31
C TRP C 210 1.76 17.99 19.61
N ASN C 211 2.67 18.71 20.26
CA ASN C 211 3.17 19.98 19.70
C ASN C 211 3.79 19.79 18.31
N ALA C 212 4.67 18.78 18.17
CA ALA C 212 5.27 18.54 16.85
C ALA C 212 4.26 18.14 15.80
N ALA C 213 3.28 17.27 16.16
CA ALA C 213 2.26 16.87 15.21
C ALA C 213 1.43 18.04 14.76
N MET C 214 1.04 18.91 15.70
N MET C 214 1.09 18.94 15.70
CA MET C 214 0.17 20.01 15.31
CA MET C 214 0.23 20.06 15.36
C MET C 214 0.95 21.06 14.54
C MET C 214 0.97 21.10 14.52
N THR C 215 2.24 21.26 14.85
N THR C 215 2.26 21.33 14.81
CA THR C 215 3.00 22.19 14.04
CA THR C 215 3.05 22.19 13.93
C THR C 215 3.01 21.73 12.57
C THR C 215 3.02 21.67 12.50
N SER C 216 3.25 20.44 12.35
N SER C 216 3.13 20.36 12.34
CA SER C 216 3.24 19.91 11.00
CA SER C 216 3.11 19.77 11.00
C SER C 216 1.86 20.00 10.34
C SER C 216 1.77 19.97 10.30
N MET C 217 0.80 19.61 11.08
N MET C 217 0.68 19.52 10.94
CA MET C 217 -0.52 19.59 10.47
CA MET C 217 -0.61 19.61 10.22
C MET C 217 -1.01 20.98 10.15
C MET C 217 -1.09 21.05 10.11
N TYR C 218 -0.81 21.92 11.09
CA TYR C 218 -1.21 23.33 10.88
C TYR C 218 -0.44 23.92 9.69
N ALA C 219 0.83 23.58 9.55
CA ALA C 219 1.60 24.09 8.41
C ALA C 219 1.08 23.54 7.08
N GLN C 220 0.72 22.24 7.04
N GLN C 220 0.69 22.27 7.03
CA GLN C 220 0.12 21.66 5.85
CA GLN C 220 0.16 21.77 5.76
C GLN C 220 -1.15 22.40 5.49
C GLN C 220 -1.22 22.33 5.47
N CYS C 221 -1.98 22.65 6.52
CA CYS C 221 -3.25 23.33 6.31
C CYS C 221 -3.03 24.70 5.70
N GLN C 222 -2.07 25.47 6.25
CA GLN C 222 -1.86 26.81 5.75
C GLN C 222 -1.13 26.86 4.40
N GLN C 223 -0.32 25.84 4.10
N GLN C 223 -0.32 25.84 4.10
CA GLN C 223 0.22 25.74 2.75
CA GLN C 223 0.25 25.71 2.77
C GLN C 223 -0.92 25.66 1.75
C GLN C 223 -0.86 25.58 1.73
N LEU C 224 -1.94 24.84 2.05
CA LEU C 224 -3.05 24.71 1.15
C LEU C 224 -3.87 25.99 1.06
N GLY C 225 -4.05 26.66 2.22
CA GLY C 225 -4.76 27.94 2.27
C GLY C 225 -6.25 27.79 2.47
N PRO C 226 -6.92 28.92 2.69
CA PRO C 226 -8.29 28.88 3.18
C PRO C 226 -9.30 28.43 2.17
N GLY C 227 -8.96 28.43 0.87
CA GLY C 227 -9.88 27.85 -0.09
C GLY C 227 -9.95 26.34 0.00
N LEU C 228 -8.97 25.73 0.64
CA LEU C 228 -8.84 24.27 0.65
C LEU C 228 -8.85 23.68 2.05
N CYS C 229 -8.47 24.43 3.08
CA CYS C 229 -8.35 23.84 4.41
C CYS C 229 -8.93 24.80 5.43
N LEU C 230 -9.87 24.31 6.25
CA LEU C 230 -10.48 25.08 7.34
C LEU C 230 -10.09 24.51 8.68
N PRO C 231 -9.35 25.26 9.54
CA PRO C 231 -9.16 24.86 10.95
C PRO C 231 -10.47 24.96 11.68
N VAL C 232 -10.85 23.88 12.38
CA VAL C 232 -12.11 23.86 13.13
C VAL C 232 -11.72 23.71 14.59
N TYR C 233 -12.07 24.70 15.43
CA TYR C 233 -11.66 24.67 16.82
C TYR C 233 -12.70 23.91 17.62
N TYR C 234 -12.26 22.82 18.23
CA TYR C 234 -13.15 21.95 19.00
C TYR C 234 -13.98 22.70 20.05
N GLU C 235 -13.32 23.52 20.90
CA GLU C 235 -14.08 24.11 21.98
C GLU C 235 -15.10 25.08 21.41
N GLN C 236 -14.75 25.79 20.32
CA GLN C 236 -15.72 26.72 19.70
C GLN C 236 -16.89 25.98 19.08
N LEU C 237 -16.63 24.84 18.44
CA LEU C 237 -17.70 24.03 17.85
C LEU C 237 -18.68 23.55 18.90
N VAL C 238 -18.15 23.12 20.05
CA VAL C 238 -18.97 22.69 21.18
C VAL C 238 -19.74 23.85 21.77
N LEU C 239 -19.09 25.01 21.94
CA LEU C 239 -19.77 26.18 22.54
C LEU C 239 -20.81 26.76 21.60
N HIS C 240 -20.57 26.70 20.29
CA HIS C 240 -21.41 27.41 19.30
C HIS C 240 -21.68 26.47 18.12
N PRO C 241 -22.45 25.41 18.33
CA PRO C 241 -22.57 24.42 17.25
C PRO C 241 -23.31 24.94 16.04
N ARG C 242 -24.37 25.77 16.18
CA ARG C 242 -25.05 26.22 14.98
CA ARG C 242 -25.06 26.24 15.00
C ARG C 242 -24.14 27.13 14.15
N ALA C 243 -23.47 28.11 14.77
CA ALA C 243 -22.61 28.99 13.99
C ALA C 243 -21.42 28.23 13.37
N TRP C 244 -20.82 27.30 14.11
CA TRP C 244 -19.66 26.60 13.54
C TRP C 244 -20.08 25.59 12.46
N MET C 245 -21.20 24.90 12.66
CA MET C 245 -21.67 24.02 11.59
C MET C 245 -22.07 24.84 10.35
N GLN C 246 -22.65 26.03 10.54
N GLN C 246 -22.65 26.04 10.53
CA GLN C 246 -22.91 26.88 9.40
CA GLN C 246 -22.89 26.93 9.39
C GLN C 246 -21.61 27.28 8.68
C GLN C 246 -21.59 27.26 8.66
N ARG C 247 -20.55 27.58 9.44
CA ARG C 247 -19.27 27.95 8.85
C ARG C 247 -18.68 26.76 8.09
N ILE C 248 -18.73 25.57 8.70
CA ILE C 248 -18.18 24.36 8.04
C ILE C 248 -18.96 24.08 6.77
N LEU C 249 -20.30 24.05 6.86
CA LEU C 249 -21.10 23.75 5.66
C LEU C 249 -20.91 24.79 4.56
N ALA C 250 -20.80 26.09 4.89
CA ALA C 250 -20.47 27.09 3.88
C ALA C 250 -19.14 26.81 3.20
N PHE C 251 -18.12 26.51 3.99
CA PHE C 251 -16.82 26.21 3.43
C PHE C 251 -16.90 25.04 2.45
N LEU C 252 -17.63 23.99 2.84
CA LEU C 252 -17.81 22.83 1.97
C LEU C 252 -18.80 23.03 0.83
N GLU C 253 -19.55 24.10 0.81
CA GLU C 253 -20.58 24.40 -0.21
C GLU C 253 -21.69 23.36 -0.13
N VAL C 254 -22.22 23.19 1.08
CA VAL C 254 -23.31 22.28 1.37
C VAL C 254 -24.41 23.12 2.02
N PRO C 255 -25.67 23.00 1.65
CA PRO C 255 -26.70 23.84 2.27
C PRO C 255 -26.91 23.48 3.73
N TRP C 256 -27.38 24.47 4.50
CA TRP C 256 -27.74 24.21 5.88
C TRP C 256 -28.81 23.13 6.01
N ASN C 257 -28.70 22.35 7.09
CA ASN C 257 -29.80 21.48 7.50
C ASN C 257 -29.76 21.31 8.99
N ASP C 258 -30.90 21.56 9.68
CA ASP C 258 -30.97 21.39 11.11
C ASP C 258 -30.70 19.95 11.54
N SER C 259 -30.66 19.01 10.61
CA SER C 259 -30.40 17.63 11.02
C SER C 259 -29.04 17.47 11.70
N VAL C 260 -28.09 18.37 11.41
CA VAL C 260 -26.78 18.27 12.05
C VAL C 260 -26.82 18.59 13.53
N LEU C 261 -27.93 19.16 14.03
CA LEU C 261 -28.09 19.45 15.44
C LEU C 261 -28.86 18.35 16.16
N HIS C 262 -29.09 17.19 15.48
CA HIS C 262 -29.78 16.07 16.09
C HIS C 262 -29.06 14.78 15.81
N HIS C 263 -27.73 14.82 15.82
CA HIS C 263 -27.02 13.62 15.35
C HIS C 263 -27.24 12.40 16.24
N GLU C 264 -27.46 12.59 17.54
CA GLU C 264 -27.63 11.45 18.43
C GLU C 264 -28.84 10.63 18.03
N GLN C 265 -29.89 11.29 17.48
CA GLN C 265 -31.07 10.54 17.08
C GLN C 265 -30.80 9.68 15.86
N LEU C 266 -29.95 10.16 14.95
CA LEU C 266 -29.67 9.41 13.73
C LEU C 266 -28.75 8.25 14.02
N ILE C 267 -27.86 8.39 15.00
CA ILE C 267 -27.09 7.22 15.47
C ILE C 267 -28.03 6.15 16.00
N ASN C 268 -29.02 6.56 16.81
CA ASN C 268 -29.94 5.63 17.45
C ASN C 268 -30.68 4.74 16.47
N GLN C 269 -30.88 5.21 15.26
CA GLN C 269 -31.59 4.40 14.26
C GLN C 269 -30.65 3.98 13.12
N SER C 270 -29.35 3.86 13.44
CA SER C 270 -28.35 3.35 12.50
C SER C 270 -28.27 4.17 11.21
N GLY C 271 -28.53 5.49 11.27
CA GLY C 271 -28.36 6.33 10.12
C GLY C 271 -26.97 6.95 10.01
N ILE C 272 -26.13 6.68 10.98
CA ILE C 272 -24.74 7.13 10.98
C ILE C 272 -23.91 5.93 11.40
N ALA C 273 -22.87 5.57 10.61
CA ALA C 273 -22.15 4.33 10.89
C ALA C 273 -21.08 4.54 11.95
N LEU C 274 -21.02 3.66 12.95
CA LEU C 274 -20.01 3.74 14.00
C LEU C 274 -19.32 2.39 14.15
N SER C 275 -18.03 2.44 14.46
CA SER C 275 -17.31 1.24 14.88
C SER C 275 -17.38 1.09 16.40
N LYS C 276 -17.83 -0.09 16.87
CA LYS C 276 -17.85 -0.31 18.31
C LYS C 276 -16.46 -0.51 18.89
N LEU C 277 -15.42 -0.63 18.04
CA LEU C 277 -14.06 -0.70 18.53
C LEU C 277 -13.34 0.65 18.59
N GLU C 278 -13.88 1.72 17.96
CA GLU C 278 -13.23 3.03 18.13
C GLU C 278 -13.50 3.58 19.53
N ARG C 279 -12.50 4.28 20.07
CA ARG C 279 -12.55 4.81 21.42
C ARG C 279 -13.46 6.02 21.60
N SER C 280 -13.91 6.63 20.52
CA SER C 280 -14.78 7.78 20.71
CA SER C 280 -14.77 7.79 20.56
C SER C 280 -16.25 7.43 20.60
N THR C 281 -16.59 6.18 20.34
CA THR C 281 -17.98 5.86 20.15
C THR C 281 -18.83 6.17 21.37
N ASP C 282 -18.33 5.89 22.59
CA ASP C 282 -19.22 6.12 23.73
C ASP C 282 -19.42 7.60 24.07
N GLN C 283 -18.65 8.51 23.47
CA GLN C 283 -18.91 9.94 23.65
C GLN C 283 -19.75 10.53 22.52
N VAL C 284 -19.56 10.08 21.27
CA VAL C 284 -20.29 10.69 20.16
C VAL C 284 -21.75 10.23 20.10
N ILE C 285 -22.11 9.17 20.83
CA ILE C 285 -23.54 8.83 20.86
C ILE C 285 -24.37 9.87 21.59
N LYS C 286 -23.72 10.80 22.40
CA LYS C 286 -24.48 11.85 23.12
C LYS C 286 -24.61 13.10 22.27
N PRO C 287 -25.65 13.91 22.50
CA PRO C 287 -25.72 15.26 21.89
C PRO C 287 -24.47 16.05 22.18
N ILE C 288 -24.19 17.07 21.34
CA ILE C 288 -23.07 17.96 21.62
C ILE C 288 -23.19 18.50 23.04
N ASN C 289 -22.13 18.39 23.83
CA ASN C 289 -22.25 18.82 25.24
C ASN C 289 -20.93 19.34 25.75
N LEU C 290 -20.98 19.97 26.93
CA LEU C 290 -19.85 20.74 27.49
C LEU C 290 -18.90 19.93 28.36
N GLY C 291 -19.15 18.64 28.53
CA GLY C 291 -18.44 17.93 29.60
C GLY C 291 -16.95 17.76 29.41
N ALA C 292 -16.43 17.87 28.19
CA ALA C 292 -15.01 17.54 27.95
C ALA C 292 -14.13 18.76 27.70
N LEU C 293 -14.66 19.98 27.88
CA LEU C 293 -13.85 21.15 27.54
C LEU C 293 -12.61 21.27 28.41
N SER C 294 -12.76 21.03 29.73
N SER C 294 -12.77 21.07 29.74
CA SER C 294 -11.70 21.41 30.67
CA SER C 294 -11.74 21.44 30.71
C SER C 294 -11.54 20.36 31.78
C SER C 294 -11.53 20.35 31.77
N LYS C 295 -11.85 19.09 31.46
CA LYS C 295 -11.60 17.98 32.39
C LYS C 295 -10.14 17.87 32.75
N TRP C 296 -9.25 18.31 31.87
CA TRP C 296 -7.83 18.18 32.07
C TRP C 296 -7.33 19.03 33.22
N VAL C 297 -8.06 20.08 33.59
CA VAL C 297 -7.53 21.06 34.56
C VAL C 297 -7.27 20.38 35.89
N GLY C 298 -6.09 20.62 36.43
CA GLY C 298 -5.65 20.04 37.71
C GLY C 298 -5.08 18.64 37.60
N HIS C 299 -5.01 18.05 36.40
CA HIS C 299 -4.43 16.72 36.19
C HIS C 299 -3.11 16.75 35.46
N ILE C 300 -2.53 17.92 35.26
N ILE C 300 -2.55 17.92 35.22
CA ILE C 300 -1.23 18.06 34.63
CA ILE C 300 -1.23 18.04 34.62
C ILE C 300 -0.19 18.21 35.72
C ILE C 300 -0.22 18.16 35.75
N PRO C 301 0.89 17.46 35.70
CA PRO C 301 1.91 17.61 36.77
C PRO C 301 2.44 19.04 36.83
N GLU C 302 2.71 19.52 38.05
CA GLU C 302 3.05 20.94 38.26
C GLU C 302 4.26 21.39 37.46
N ASP C 303 5.26 20.54 37.25
CA ASP C 303 6.43 20.99 36.50
C ASP C 303 6.07 21.24 35.04
N VAL C 304 5.11 20.49 34.52
CA VAL C 304 4.67 20.67 33.13
C VAL C 304 3.78 21.91 33.03
N VAL C 305 2.91 22.13 34.02
CA VAL C 305 2.15 23.39 34.04
C VAL C 305 3.11 24.57 34.03
N ARG C 306 4.18 24.51 34.85
CA ARG C 306 5.18 25.59 34.85
C ARG C 306 5.81 25.80 33.48
N ASP C 307 6.18 24.72 32.81
CA ASP C 307 6.94 24.76 31.57
C ASP C 307 6.06 24.81 30.35
N MET C 308 4.74 24.99 30.53
CA MET C 308 3.78 24.80 29.43
C MET C 308 4.15 25.55 28.17
N ALA C 309 4.52 26.82 28.30
CA ALA C 309 4.76 27.61 27.11
C ALA C 309 5.96 27.14 26.30
N LYS C 310 6.95 26.52 26.96
CA LYS C 310 8.12 26.01 26.27
C LYS C 310 7.91 24.61 25.76
N VAL C 311 7.15 23.79 26.51
CA VAL C 311 6.84 22.43 26.11
C VAL C 311 5.94 22.41 24.88
N ALA C 312 4.92 23.29 24.87
CA ALA C 312 3.88 23.26 23.84
C ALA C 312 3.67 24.67 23.27
N PRO C 313 4.64 25.19 22.51
CA PRO C 313 4.47 26.55 21.97
C PRO C 313 3.33 26.66 20.96
N MET C 314 2.85 25.54 20.39
CA MET C 314 1.70 25.59 19.49
C MET C 314 0.45 26.07 20.24
N LEU C 315 0.39 25.93 21.58
CA LEU C 315 -0.81 26.41 22.30
C LEU C 315 -1.02 27.89 22.03
N ALA C 316 -0.03 28.71 22.32
CA ALA C 316 -0.24 30.15 22.11
C ALA C 316 -0.39 30.47 20.62
N GLN C 317 0.33 29.74 19.77
CA GLN C 317 0.26 30.00 18.32
C GLN C 317 -1.17 29.83 17.83
N LEU C 318 -1.88 28.83 18.37
CA LEU C 318 -3.24 28.52 17.95
C LEU C 318 -4.30 29.30 18.70
N GLY C 319 -3.95 30.10 19.71
CA GLY C 319 -4.90 30.88 20.48
C GLY C 319 -5.23 30.39 21.87
N TYR C 320 -4.53 29.40 22.38
CA TYR C 320 -4.74 28.86 23.73
C TYR C 320 -3.67 29.41 24.66
N ASP C 321 -4.10 30.10 25.71
CA ASP C 321 -3.11 30.71 26.60
C ASP C 321 -2.42 29.64 27.42
N PRO C 322 -1.12 29.43 27.30
CA PRO C 322 -0.46 28.34 28.06
C PRO C 322 -0.39 28.62 29.56
N ALA C 323 -0.62 29.86 29.97
CA ALA C 323 -0.66 30.22 31.39
C ALA C 323 -2.04 30.07 32.01
N ALA C 324 -3.06 29.75 31.22
CA ALA C 324 -4.42 29.68 31.72
C ALA C 324 -4.84 28.21 31.96
N ASN C 325 -5.48 27.94 33.11
CA ASN C 325 -5.79 26.56 33.52
C ASN C 325 -7.23 26.59 34.03
N PRO C 326 -8.23 26.66 33.11
CA PRO C 326 -8.12 26.64 31.65
C PRO C 326 -8.20 28.06 31.09
N PRO C 327 -7.92 28.20 29.79
CA PRO C 327 -8.39 29.38 29.05
C PRO C 327 -9.89 29.53 29.21
N ASP C 328 -10.35 30.76 29.03
CA ASP C 328 -11.77 31.04 28.86
C ASP C 328 -12.13 30.76 27.41
N TYR C 329 -12.63 29.57 27.16
CA TYR C 329 -12.89 29.20 25.76
C TYR C 329 -14.08 29.97 25.19
N GLY C 330 -14.91 30.55 26.04
CA GLY C 330 -16.05 31.34 25.57
C GLY C 330 -17.33 30.98 26.29
N GLN C 331 -18.44 31.67 25.88
N GLN C 331 -18.45 31.69 25.88
CA GLN C 331 -19.67 31.43 26.59
CA GLN C 331 -19.74 31.51 26.54
C GLN C 331 -20.55 30.45 25.84
C GLN C 331 -20.57 30.44 25.81
N PRO C 332 -21.06 29.40 26.48
CA PRO C 332 -21.82 28.38 25.75
C PRO C 332 -23.15 28.91 25.28
N ASP C 333 -23.51 28.49 24.06
CA ASP C 333 -24.86 28.77 23.60
C ASP C 333 -25.89 28.08 24.47
N ASN C 334 -27.11 28.63 24.52
CA ASN C 334 -28.12 27.93 25.28
C ASN C 334 -28.43 26.55 24.78
N PHE C 335 -28.32 26.34 23.44
CA PHE C 335 -28.56 25.00 22.89
C PHE C 335 -27.69 23.96 23.59
N VAL C 336 -26.38 24.26 23.74
N VAL C 336 -26.39 24.26 23.72
CA VAL C 336 -25.46 23.25 24.28
CA VAL C 336 -25.49 23.28 24.30
C VAL C 336 -25.51 23.20 25.82
C VAL C 336 -25.67 23.17 25.80
N LEU C 337 -25.89 24.31 26.46
CA LEU C 337 -26.20 24.26 27.89
C LEU C 337 -27.39 23.34 28.15
N ASN C 338 -28.44 23.47 27.33
CA ASN C 338 -29.61 22.61 27.46
C ASN C 338 -29.27 21.15 27.18
N ASN C 339 -28.47 20.88 26.14
CA ASN C 339 -28.10 19.49 25.93
C ASN C 339 -27.40 18.90 27.13
N THR C 340 -26.49 19.69 27.73
CA THR C 340 -25.66 19.20 28.81
C THR C 340 -26.51 18.90 30.04
N LEU C 341 -27.47 19.79 30.32
CA LEU C 341 -28.42 19.54 31.41
C LEU C 341 -29.24 18.27 31.18
N GLU C 342 -29.71 18.06 29.96
CA GLU C 342 -30.53 16.89 29.67
C GLU C 342 -29.75 15.59 29.78
N ILE C 343 -28.49 15.58 29.34
CA ILE C 343 -27.66 14.40 29.56
C ILE C 343 -27.53 14.07 31.04
N LYS C 344 -27.30 15.09 31.87
CA LYS C 344 -27.20 14.88 33.31
C LYS C 344 -28.48 14.28 33.88
N LYS C 345 -29.63 14.75 33.40
CA LYS C 345 -30.91 14.17 33.83
C LYS C 345 -31.06 12.71 33.42
N LYS C 346 -30.43 12.31 32.32
CA LYS C 346 -30.53 10.94 31.83
C LYS C 346 -29.27 10.15 32.14
N MET C 347 -28.57 10.49 33.23
CA MET C 347 -27.27 9.85 33.49
C MET C 347 -27.36 8.34 33.49
N GLU C 348 -28.47 7.78 34.00
CA GLU C 348 -28.60 6.33 34.07
C GLU C 348 -28.83 5.72 32.69
N GLU C 349 -29.63 6.39 31.83
CA GLU C 349 -29.84 5.91 30.46
C GLU C 349 -28.51 5.88 29.69
N TRP C 350 -27.68 6.91 29.87
CA TRP C 350 -26.42 6.97 29.15
C TRP C 350 -25.43 5.93 29.67
N GLN C 351 -25.36 5.77 31.00
CA GLN C 351 -24.43 4.79 31.54
C GLN C 351 -24.81 3.38 31.12
N ALA C 352 -26.12 3.14 30.91
CA ALA C 352 -26.54 1.87 30.35
C ALA C 352 -25.92 1.66 28.97
N ARG C 353 -26.00 2.69 28.12
CA ARG C 353 -25.48 2.56 26.76
C ARG C 353 -23.97 2.42 26.75
N GLU C 354 -23.27 3.15 27.63
CA GLU C 354 -21.82 3.06 27.68
C GLU C 354 -21.36 1.70 28.18
N ARG C 355 -22.18 1.04 29.00
CA ARG C 355 -21.82 -0.30 29.47
C ARG C 355 -22.16 -1.36 28.43
N GLU C 356 -23.33 -1.23 27.78
CA GLU C 356 -23.64 -2.09 26.64
C GLU C 356 -22.55 -2.02 25.57
N LEU C 357 -21.91 -0.86 25.41
CA LEU C 357 -20.84 -0.73 24.44
C LEU C 357 -19.61 -1.51 24.88
N GLU C 358 -19.19 -1.34 26.14
CA GLU C 358 -18.05 -2.09 26.65
C GLU C 358 -18.35 -3.59 26.62
N GLU C 359 -19.63 -3.97 26.78
CA GLU C 359 -20.02 -5.36 26.64
C GLU C 359 -19.78 -5.86 25.22
N HIS C 360 -20.18 -5.07 24.23
CA HIS C 360 -19.89 -5.44 22.85
C HIS C 360 -18.39 -5.43 22.57
N ARG C 361 -17.64 -4.56 23.26
CA ARG C 361 -16.17 -4.61 23.20
C ARG C 361 -15.64 -5.90 23.81
N GLU C 362 -16.38 -6.46 24.77
CA GLU C 362 -15.94 -7.66 25.45
C GLU C 362 -16.15 -8.89 24.59
N LEU C 363 -17.32 -8.99 23.94
CA LEU C 363 -17.57 -10.07 22.98
C LEU C 363 -16.45 -10.19 21.96
N ILE C 364 -15.93 -9.05 21.51
CA ILE C 364 -14.95 -9.07 20.44
C ILE C 364 -13.58 -9.47 20.97
N LYS C 365 -13.19 -8.99 22.15
CA LYS C 365 -11.93 -9.42 22.71
C LYS C 365 -11.97 -10.89 23.14
N GLN C 366 -13.18 -11.47 23.24
CA GLN C 366 -13.30 -12.92 23.30
C GLN C 366 -13.03 -13.55 21.94
N SER C 367 -13.71 -13.06 20.90
CA SER C 367 -13.52 -13.52 19.53
C SER C 367 -12.11 -13.27 18.99
N ILE C 368 -11.22 -12.67 19.78
CA ILE C 368 -9.82 -12.50 19.42
C ILE C 368 -8.91 -13.45 20.18
N ALA C 369 -9.23 -13.71 21.45
CA ALA C 369 -8.56 -14.77 22.18
C ALA C 369 -8.98 -16.16 21.69
N LYS C 370 -10.10 -16.24 20.95
CA LYS C 370 -10.49 -17.48 20.28
C LYS C 370 -9.87 -17.58 18.88
N LYS C 371 -9.67 -16.45 18.21
CA LYS C 371 -8.90 -16.42 16.96
C LYS C 371 -7.43 -16.79 17.17
N LYS C 372 -7.00 -16.92 18.43
CA LYS C 372 -5.64 -17.31 18.76
C LYS C 372 -5.63 -18.61 19.56
N PHE D 2 -0.69 -3.80 16.13
CA PHE D 2 -1.01 -2.43 15.68
C PHE D 2 -1.61 -1.61 16.82
N ASP D 3 -1.16 -0.37 16.96
CA ASP D 3 -1.73 0.55 17.94
C ASP D 3 -3.06 1.10 17.44
N GLU D 4 -3.80 1.78 18.32
CA GLU D 4 -5.03 2.44 17.88
C GLU D 4 -4.75 3.44 16.75
N TYR D 5 -3.59 4.09 16.79
CA TYR D 5 -3.15 5.07 15.79
C TYR D 5 -1.64 4.98 15.59
N GLU D 6 -1.21 5.38 14.40
CA GLU D 6 0.20 5.49 14.02
C GLU D 6 0.39 6.78 13.23
N GLU D 7 1.33 7.62 13.66
CA GLU D 7 1.54 8.95 13.07
C GLU D 7 1.73 8.90 11.54
#